data_3D9V
#
_entry.id   3D9V
#
_cell.length_a   183.625
_cell.length_b   183.625
_cell.length_c   91.666
_cell.angle_alpha   90.000
_cell.angle_beta   90.000
_cell.angle_gamma   120.000
#
_symmetry.space_group_name_H-M   'P 31 2 1'
#
loop_
_entity.id
_entity.type
_entity.pdbx_description
1 polymer 'Rho-associated protein kinase 1'
2 non-polymer (S)-2-METHYL-1-[(4-METHYL-5-ISOQUINOLINE)SULFONYL]-HOMOPIPERAZINE
#
_entity_poly.entity_id   1
_entity_poly.type   'polypeptide(L)'
_entity_poly.pdbx_seq_one_letter_code
;GSLHMSFETRFEKMDNLLRDPKSEVNSDCLLDGLDALVYDLDFPALRKNKNIDNFLSRYKDTINKIRDLRMKAEDYEVVK
VIGRGAFGEVQLVRHKSTRKVYAMKLLSKFEMIKRSDSAFFWEERDIMAFANSPWVVQLFYAFQDDRYLYMVMEYMPGGD
LVNLMSNYDVPEKWARFYTAEVVLALDAIHSMGFIHRDVKPDNMLLDKSGHLKLADFGTCMKMNKEGMVRCDTAVGTPDY
ISPEVLKSQGGDGYYGRECDWWSVGVFLYEMLVGDTPFYADSLVGTYSKIMNHKNSLTFPDDNDISKEAKNLICAFLTDR
EVRLGRNGVEEIKRHLFFKNDQWAWETLRDTVAPVVPDLSSDIDTSNFDDLEEDKGEEETFPIPKAFVGNQLPFVGFTYY
SNRRYLSSANPNDNR
;
_entity_poly.pdbx_strand_id   A,B
#
loop_
_chem_comp.id
_chem_comp.type
_chem_comp.name
_chem_comp.formula
H52 non-polymer (S)-2-METHYL-1-[(4-METHYL-5-ISOQUINOLINE)SULFONYL]-HOMOPIPERAZINE 'C16 H21 N3 O2 S'
#
# COMPACT_ATOMS: atom_id res chain seq x y z
N SER A 6 -21.13 8.42 12.15
CA SER A 6 -20.90 7.47 13.28
C SER A 6 -19.49 6.92 13.26
N PHE A 7 -19.11 6.23 14.34
CA PHE A 7 -17.78 5.64 14.46
C PHE A 7 -17.71 4.29 13.76
N GLU A 8 -18.89 3.73 13.45
CA GLU A 8 -18.95 2.46 12.72
C GLU A 8 -19.19 2.66 11.21
N THR A 9 -20.01 3.64 10.88
CA THR A 9 -20.29 3.96 9.48
C THR A 9 -18.98 4.33 8.76
N ARG A 10 -18.10 5.03 9.47
CA ARG A 10 -16.81 5.43 8.92
C ARG A 10 -15.86 4.24 8.74
N PHE A 11 -15.79 3.38 9.75
CA PHE A 11 -14.96 2.18 9.68
C PHE A 11 -15.44 1.28 8.54
N GLU A 12 -16.75 1.30 8.30
CA GLU A 12 -17.35 0.52 7.21
C GLU A 12 -17.04 1.11 5.84
N LYS A 13 -17.35 2.39 5.66
CA LYS A 13 -17.08 3.08 4.40
C LYS A 13 -15.62 2.93 3.99
N MET A 14 -14.74 2.88 4.99
CA MET A 14 -13.32 2.73 4.75
C MET A 14 -12.99 1.32 4.25
N ASP A 15 -13.71 0.33 4.79
CA ASP A 15 -13.45 -1.06 4.44
C ASP A 15 -13.94 -1.38 3.02
N ASN A 16 -14.86 -0.55 2.51
CA ASN A 16 -15.33 -0.68 1.14
C ASN A 16 -14.23 -0.25 0.17
N LEU A 17 -13.62 0.90 0.46
CA LEU A 17 -12.56 1.45 -0.37
C LEU A 17 -11.28 0.58 -0.32
N LEU A 18 -11.29 -0.42 0.55
CA LEU A 18 -10.16 -1.34 0.70
C LEU A 18 -10.41 -2.69 0.02
N ARG A 19 -11.66 -2.95 -0.37
CA ARG A 19 -12.03 -4.21 -1.01
C ARG A 19 -12.58 -4.08 -2.43
N ASP A 20 -13.47 -3.12 -2.65
CA ASP A 20 -14.11 -2.92 -3.93
C ASP A 20 -13.11 -2.96 -5.08
N PRO A 21 -13.31 -3.88 -6.04
CA PRO A 21 -12.42 -4.10 -7.20
C PRO A 21 -12.22 -2.85 -8.06
N LYS A 22 -12.98 -1.79 -7.77
CA LYS A 22 -12.91 -0.58 -8.57
C LYS A 22 -12.47 0.63 -7.76
N SER A 23 -12.07 0.41 -6.51
CA SER A 23 -11.58 1.50 -5.67
C SER A 23 -10.23 2.00 -6.14
N GLU A 24 -10.04 3.32 -6.09
CA GLU A 24 -8.79 3.94 -6.53
C GLU A 24 -7.70 3.62 -5.51
N VAL A 25 -8.10 3.16 -4.32
CA VAL A 25 -7.16 2.83 -3.26
C VAL A 25 -7.41 1.49 -2.57
N ASN A 26 -7.71 0.44 -3.36
CA ASN A 26 -7.86 -0.89 -2.77
C ASN A 26 -6.51 -1.59 -2.56
N SER A 27 -6.56 -2.83 -2.09
CA SER A 27 -5.34 -3.55 -1.73
C SER A 27 -4.36 -3.66 -2.91
N ASP A 28 -4.91 -3.78 -4.11
CA ASP A 28 -4.10 -3.82 -5.33
C ASP A 28 -3.37 -2.49 -5.57
N CYS A 29 -4.07 -1.39 -5.29
CA CYS A 29 -3.51 -0.07 -5.51
C CYS A 29 -2.53 0.33 -4.41
N LEU A 30 -2.83 -0.08 -3.18
CA LEU A 30 -1.98 0.26 -2.04
C LEU A 30 -0.69 -0.54 -2.04
N LEU A 31 -0.77 -1.83 -2.35
CA LEU A 31 0.44 -2.66 -2.45
C LEU A 31 1.31 -2.22 -3.63
N ASP A 32 0.69 -1.65 -4.65
CA ASP A 32 1.41 -1.11 -5.79
C ASP A 32 2.15 0.18 -5.41
N GLY A 33 1.44 1.07 -4.71
CA GLY A 33 2.01 2.35 -4.36
C GLY A 33 3.30 2.26 -3.56
N LEU A 34 3.36 1.33 -2.62
CA LEU A 34 4.58 1.08 -1.87
C LEU A 34 5.65 0.47 -2.77
N ASP A 35 5.25 -0.49 -3.58
CA ASP A 35 6.18 -1.18 -4.50
C ASP A 35 6.77 -0.20 -5.51
N ALA A 36 6.00 0.82 -5.85
CA ALA A 36 6.46 1.86 -6.78
C ALA A 36 7.50 2.76 -6.12
N LEU A 37 7.27 3.10 -4.86
CA LEU A 37 8.16 4.02 -4.14
C LEU A 37 9.54 3.40 -3.92
N VAL A 38 9.57 2.17 -3.42
CA VAL A 38 10.84 1.46 -3.21
C VAL A 38 11.64 1.33 -4.50
N TYR A 39 10.96 1.00 -5.59
CA TYR A 39 11.60 0.91 -6.91
C TYR A 39 12.15 2.26 -7.38
N ASP A 40 11.39 3.33 -7.14
CA ASP A 40 11.77 4.66 -7.61
C ASP A 40 12.61 5.46 -6.62
N LEU A 41 13.18 4.78 -5.63
CA LEU A 41 14.08 5.43 -4.67
C LEU A 41 15.43 4.72 -4.57
N ASP A 42 15.46 3.43 -4.90
CA ASP A 42 16.66 2.61 -4.71
C ASP A 42 17.72 2.92 -5.77
N PHE A 43 18.24 4.15 -5.70
CA PHE A 43 19.33 4.58 -6.57
C PHE A 43 20.36 5.36 -5.75
N PRO A 44 21.65 4.99 -5.88
CA PRO A 44 22.77 5.53 -5.10
C PRO A 44 22.82 7.06 -5.04
N ALA A 45 22.32 7.71 -6.09
CA ALA A 45 22.32 9.16 -6.15
C ALA A 45 21.26 9.75 -5.22
N LEU A 46 20.26 8.94 -4.88
CA LEU A 46 19.22 9.36 -3.95
C LEU A 46 19.41 8.72 -2.57
N ARG A 47 20.23 7.68 -2.51
CA ARG A 47 20.57 7.02 -1.25
C ARG A 47 21.40 7.93 -0.34
N LYS A 48 22.00 8.96 -0.92
CA LYS A 48 22.77 9.93 -0.15
C LYS A 48 21.88 10.73 0.80
N ASN A 49 20.61 10.88 0.43
CA ASN A 49 19.61 11.49 1.31
C ASN A 49 19.32 10.54 2.48
N LYS A 50 19.21 11.10 3.68
CA LYS A 50 19.08 10.30 4.90
C LYS A 50 17.75 9.56 4.98
N ASN A 51 16.66 10.29 4.76
CA ASN A 51 15.32 9.73 4.88
C ASN A 51 15.10 8.54 3.92
N ILE A 52 15.56 8.73 2.68
CA ILE A 52 15.40 7.69 1.65
C ILE A 52 16.25 6.47 1.97
N ASP A 53 17.48 6.68 2.43
CA ASP A 53 18.40 5.58 2.76
C ASP A 53 17.87 4.77 3.94
N ASN A 54 17.28 5.45 4.91
CA ASN A 54 16.71 4.79 6.08
C ASN A 54 15.44 4.01 5.71
N PHE A 55 14.61 4.62 4.88
CA PHE A 55 13.32 4.04 4.48
C PHE A 55 13.51 2.73 3.71
N LEU A 56 14.48 2.71 2.79
CA LEU A 56 14.74 1.52 1.99
C LEU A 56 15.34 0.39 2.84
N SER A 57 16.18 0.76 3.79
CA SER A 57 16.78 -0.23 4.70
C SER A 57 15.77 -0.68 5.75
N ARG A 58 14.76 0.15 5.99
CA ARG A 58 13.71 -0.18 6.94
C ARG A 58 12.73 -1.18 6.34
N TYR A 59 12.55 -1.10 5.02
CA TYR A 59 11.59 -1.97 4.32
C TYR A 59 12.24 -3.05 3.44
N LYS A 60 13.57 -3.09 3.42
CA LYS A 60 14.31 -4.03 2.56
C LYS A 60 13.83 -5.48 2.69
N ASP A 61 13.76 -5.98 3.92
CA ASP A 61 13.36 -7.37 4.15
C ASP A 61 11.86 -7.56 3.91
N THR A 62 11.08 -6.51 4.20
CA THR A 62 9.63 -6.59 4.03
C THR A 62 9.24 -6.57 2.55
N ILE A 63 9.93 -5.73 1.77
CA ILE A 63 9.55 -5.53 0.36
C ILE A 63 9.99 -6.72 -0.51
N ASN A 64 11.08 -7.39 -0.14
CA ASN A 64 11.54 -8.58 -0.87
C ASN A 64 10.64 -9.79 -0.57
N LYS A 65 9.95 -9.75 0.56
CA LYS A 65 8.98 -10.78 0.91
C LYS A 65 7.66 -10.53 0.17
N ILE A 66 7.33 -9.25 0.02
CA ILE A 66 6.12 -8.85 -0.71
C ILE A 66 6.18 -9.28 -2.18
N ARG A 67 7.31 -8.99 -2.83
CA ARG A 67 7.48 -9.29 -4.24
C ARG A 67 7.60 -10.79 -4.54
N ASP A 68 7.99 -11.56 -3.53
CA ASP A 68 8.06 -13.01 -3.66
C ASP A 68 6.68 -13.64 -3.53
N LEU A 69 5.76 -12.94 -2.87
CA LEU A 69 4.40 -13.46 -2.67
C LEU A 69 3.41 -12.96 -3.72
N ARG A 70 3.60 -11.73 -4.21
CA ARG A 70 2.75 -11.20 -5.27
C ARG A 70 3.06 -11.89 -6.61
N MET A 71 2.10 -11.83 -7.54
CA MET A 71 2.27 -12.50 -8.83
C MET A 71 3.38 -11.82 -9.63
N LYS A 72 4.39 -12.61 -10.02
CA LYS A 72 5.53 -12.12 -10.77
C LYS A 72 5.73 -12.87 -12.09
N ALA A 73 6.63 -12.36 -12.92
CA ALA A 73 6.81 -12.89 -14.27
C ALA A 73 7.36 -14.32 -14.30
N GLU A 74 8.23 -14.64 -13.35
CA GLU A 74 8.86 -15.96 -13.34
C GLU A 74 7.93 -17.06 -12.81
N ASP A 75 6.71 -16.68 -12.48
CA ASP A 75 5.69 -17.65 -12.07
C ASP A 75 5.16 -18.40 -13.30
N TYR A 76 5.38 -17.84 -14.48
CA TYR A 76 4.88 -18.43 -15.71
C TYR A 76 5.99 -19.06 -16.55
N GLU A 77 5.68 -20.20 -17.17
CA GLU A 77 6.59 -20.88 -18.09
C GLU A 77 6.21 -20.53 -19.52
N VAL A 78 7.10 -19.82 -20.21
CA VAL A 78 6.84 -19.41 -21.60
C VAL A 78 6.94 -20.62 -22.53
N VAL A 79 5.94 -20.78 -23.41
CA VAL A 79 5.89 -21.91 -24.31
C VAL A 79 6.29 -21.47 -25.73
N LYS A 80 5.71 -20.36 -26.19
CA LYS A 80 6.02 -19.85 -27.53
C LYS A 80 5.46 -18.42 -27.70
N VAL A 81 6.16 -17.59 -28.46
CA VAL A 81 5.66 -16.24 -28.77
C VAL A 81 4.63 -16.36 -29.90
N ILE A 82 3.44 -15.79 -29.69
CA ILE A 82 2.34 -15.96 -30.63
C ILE A 82 1.84 -14.63 -31.23
N GLY A 83 2.28 -13.52 -30.66
CA GLY A 83 1.87 -12.22 -31.18
C GLY A 83 2.84 -11.09 -30.90
N ARG A 84 2.80 -10.05 -31.73
CA ARG A 84 3.66 -8.89 -31.53
C ARG A 84 2.81 -7.62 -31.47
N GLY A 85 2.79 -7.00 -30.30
CA GLY A 85 2.14 -5.70 -30.17
C GLY A 85 3.14 -4.58 -30.39
N ALA A 86 2.63 -3.36 -30.53
CA ALA A 86 3.48 -2.20 -30.82
C ALA A 86 4.39 -1.87 -29.65
N PHE A 87 4.01 -2.29 -28.45
CA PHE A 87 4.77 -1.96 -27.25
C PHE A 87 5.33 -3.21 -26.54
N GLY A 88 4.94 -4.39 -27.02
CA GLY A 88 5.46 -5.62 -26.44
C GLY A 88 4.81 -6.88 -26.98
N GLU A 89 5.54 -7.99 -26.94
CA GLU A 89 5.06 -9.25 -27.50
C GLU A 89 3.98 -9.92 -26.63
N VAL A 90 3.18 -10.79 -27.25
CA VAL A 90 2.21 -11.60 -26.53
C VAL A 90 2.63 -13.06 -26.62
N GLN A 91 2.74 -13.73 -25.48
CA GLN A 91 3.26 -15.09 -25.45
C GLN A 91 2.34 -16.10 -24.74
N LEU A 92 2.24 -17.29 -25.30
CA LEU A 92 1.50 -18.39 -24.70
C LEU A 92 2.28 -18.91 -23.50
N VAL A 93 1.70 -18.80 -22.30
CA VAL A 93 2.37 -19.23 -21.09
C VAL A 93 1.55 -20.24 -20.28
N ARG A 94 2.24 -21.00 -19.44
CA ARG A 94 1.60 -21.90 -18.50
C ARG A 94 2.06 -21.54 -17.09
N HIS A 95 1.10 -21.32 -16.19
CA HIS A 95 1.43 -21.01 -14.79
C HIS A 95 2.04 -22.25 -14.13
N LYS A 96 3.25 -22.11 -13.63
CA LYS A 96 4.02 -23.23 -13.12
C LYS A 96 3.30 -23.98 -11.99
N SER A 97 2.55 -23.25 -11.16
CA SER A 97 1.87 -23.87 -10.03
C SER A 97 0.51 -24.46 -10.40
N THR A 98 -0.36 -23.65 -11.01
CA THR A 98 -1.72 -24.09 -11.34
C THR A 98 -1.80 -24.90 -12.64
N ARG A 99 -0.72 -24.89 -13.42
CA ARG A 99 -0.63 -25.61 -14.68
C ARG A 99 -1.63 -25.12 -15.74
N LYS A 100 -2.32 -24.03 -15.44
CA LYS A 100 -3.28 -23.43 -16.36
C LYS A 100 -2.60 -22.64 -17.48
N VAL A 101 -3.19 -22.66 -18.67
CA VAL A 101 -2.59 -22.03 -19.85
C VAL A 101 -3.29 -20.70 -20.16
N TYR A 102 -2.49 -19.66 -20.40
CA TYR A 102 -3.01 -18.33 -20.70
C TYR A 102 -2.24 -17.69 -21.86
N ALA A 103 -2.78 -16.59 -22.37
CA ALA A 103 -2.04 -15.75 -23.31
C ALA A 103 -1.64 -14.46 -22.59
N MET A 104 -0.34 -14.30 -22.33
CA MET A 104 0.14 -13.16 -21.55
C MET A 104 0.66 -12.06 -22.47
N LYS A 105 0.16 -10.85 -22.25
CA LYS A 105 0.57 -9.69 -23.04
C LYS A 105 1.55 -8.83 -22.23
N LEU A 106 2.60 -8.35 -22.90
CA LEU A 106 3.59 -7.50 -22.25
C LEU A 106 3.56 -6.08 -22.79
N LEU A 107 3.81 -5.09 -21.93
CA LEU A 107 3.83 -3.69 -22.33
C LEU A 107 5.03 -2.97 -21.69
N SER A 108 6.00 -2.60 -22.52
CA SER A 108 7.19 -1.91 -22.02
C SER A 108 6.84 -0.53 -21.47
N LYS A 109 7.10 -0.34 -20.17
CA LYS A 109 6.80 0.91 -19.50
C LYS A 109 7.56 2.08 -20.12
N PHE A 110 8.85 1.87 -20.33
CA PHE A 110 9.71 2.90 -20.88
C PHE A 110 9.23 3.36 -22.26
N GLU A 111 8.72 2.41 -23.03
CA GLU A 111 8.29 2.69 -24.40
C GLU A 111 7.04 3.56 -24.43
N MET A 112 6.06 3.20 -23.62
CA MET A 112 4.79 3.93 -23.57
C MET A 112 4.96 5.35 -23.04
N ILE A 113 5.87 5.51 -22.08
CA ILE A 113 6.18 6.83 -21.54
C ILE A 113 6.91 7.66 -22.60
N LYS A 114 7.73 7.00 -23.41
CA LYS A 114 8.45 7.67 -24.50
C LYS A 114 7.51 8.00 -25.66
N ARG A 115 6.67 9.02 -25.44
CA ARG A 115 5.72 9.53 -26.43
C ARG A 115 4.72 8.50 -26.96
N SER A 116 3.59 8.40 -26.27
CA SER A 116 2.46 7.58 -26.71
C SER A 116 1.16 8.18 -26.17
N ASP A 117 1.07 9.50 -26.24
CA ASP A 117 -0.03 10.30 -25.68
C ASP A 117 -1.40 9.62 -25.61
N SER A 118 -1.59 8.75 -24.61
CA SER A 118 -2.87 8.07 -24.42
C SER A 118 -3.09 7.57 -22.98
N ALA A 119 -2.11 6.84 -22.45
CA ALA A 119 -2.31 6.02 -21.25
C ALA A 119 -3.50 5.08 -21.48
N PHE A 120 -3.46 4.43 -22.63
CA PHE A 120 -4.59 3.67 -23.17
C PHE A 120 -4.90 2.39 -22.40
N PHE A 121 -3.87 1.83 -21.75
CA PHE A 121 -4.00 0.53 -21.10
C PHE A 121 -5.13 0.44 -20.07
N TRP A 122 -5.56 1.58 -19.54
CA TRP A 122 -6.65 1.61 -18.57
C TRP A 122 -7.96 1.13 -19.18
N GLU A 123 -8.27 1.63 -20.36
CA GLU A 123 -9.54 1.31 -21.02
C GLU A 123 -9.61 -0.18 -21.35
N GLU A 124 -8.51 -0.74 -21.82
CA GLU A 124 -8.48 -2.15 -22.19
C GLU A 124 -8.50 -3.06 -20.95
N ARG A 125 -7.83 -2.60 -19.89
CA ARG A 125 -7.81 -3.35 -18.64
C ARG A 125 -9.20 -3.41 -18.02
N ASP A 126 -9.95 -2.32 -18.17
CA ASP A 126 -11.26 -2.20 -17.55
C ASP A 126 -12.28 -3.08 -18.27
N ILE A 127 -12.23 -3.11 -19.60
CA ILE A 127 -13.18 -3.90 -20.39
C ILE A 127 -12.93 -5.41 -20.22
N MET A 128 -11.72 -5.85 -20.57
CA MET A 128 -11.39 -7.28 -20.51
C MET A 128 -11.58 -7.91 -19.13
N ALA A 129 -11.54 -7.09 -18.09
CA ALA A 129 -11.67 -7.58 -16.71
C ALA A 129 -13.12 -7.62 -16.22
N PHE A 130 -13.94 -6.68 -16.67
CA PHE A 130 -15.30 -6.56 -16.13
C PHE A 130 -16.41 -6.80 -17.16
N ALA A 131 -16.09 -6.70 -18.45
CA ALA A 131 -17.10 -6.84 -19.50
C ALA A 131 -18.01 -8.05 -19.28
N ASN A 132 -17.41 -9.15 -18.83
CA ASN A 132 -18.12 -10.40 -18.61
C ASN A 132 -19.08 -10.76 -19.74
N SER A 133 -18.54 -10.83 -20.95
CA SER A 133 -19.31 -11.12 -22.16
C SER A 133 -18.58 -12.16 -22.98
N PRO A 134 -19.32 -13.10 -23.58
CA PRO A 134 -18.73 -14.14 -24.44
C PRO A 134 -18.06 -13.56 -25.69
N TRP A 135 -18.35 -12.29 -25.98
CA TRP A 135 -17.80 -11.64 -27.16
C TRP A 135 -16.51 -10.90 -26.83
N VAL A 136 -16.20 -10.79 -25.53
CA VAL A 136 -15.00 -10.09 -25.09
C VAL A 136 -13.98 -11.05 -24.48
N VAL A 137 -12.72 -10.91 -24.90
CA VAL A 137 -11.63 -11.72 -24.34
C VAL A 137 -11.43 -11.36 -22.88
N GLN A 138 -11.36 -12.38 -22.02
CA GLN A 138 -11.37 -12.17 -20.57
C GLN A 138 -9.97 -11.97 -19.98
N LEU A 139 -9.81 -10.93 -19.16
CA LEU A 139 -8.58 -10.69 -18.40
C LEU A 139 -8.72 -11.39 -17.05
N PHE A 140 -7.76 -12.27 -16.74
CA PHE A 140 -7.80 -12.99 -15.47
C PHE A 140 -6.91 -12.33 -14.43
N TYR A 141 -5.67 -12.00 -14.81
CA TYR A 141 -4.76 -11.33 -13.90
C TYR A 141 -4.02 -10.19 -14.62
N ALA A 142 -3.64 -9.17 -13.84
CA ALA A 142 -2.78 -8.11 -14.35
C ALA A 142 -1.80 -7.72 -13.24
N PHE A 143 -0.50 -7.76 -13.55
CA PHE A 143 0.52 -7.35 -12.59
C PHE A 143 1.65 -6.58 -13.29
N GLN A 144 2.66 -6.19 -12.52
CA GLN A 144 3.73 -5.33 -13.05
C GLN A 144 5.04 -5.44 -12.26
N ASP A 145 6.10 -4.88 -12.83
CA ASP A 145 7.33 -4.60 -12.10
C ASP A 145 7.90 -3.25 -12.51
N ASP A 146 9.22 -3.11 -12.54
CA ASP A 146 9.83 -1.83 -12.87
C ASP A 146 9.99 -1.62 -14.37
N ARG A 147 9.73 -2.67 -15.15
CA ARG A 147 10.02 -2.66 -16.59
C ARG A 147 8.80 -2.78 -17.51
N TYR A 148 7.97 -3.82 -17.32
CA TYR A 148 6.79 -4.02 -18.15
C TYR A 148 5.48 -4.10 -17.35
N LEU A 149 4.36 -3.88 -18.04
CA LEU A 149 3.05 -4.24 -17.51
C LEU A 149 2.66 -5.62 -18.06
N TYR A 150 1.90 -6.38 -17.28
CA TYR A 150 1.52 -7.73 -17.68
C TYR A 150 0.00 -7.91 -17.68
N MET A 151 -0.52 -8.47 -18.77
CA MET A 151 -1.95 -8.77 -18.86
C MET A 151 -2.19 -10.24 -19.19
N VAL A 152 -2.65 -10.98 -18.18
CA VAL A 152 -2.90 -12.41 -18.33
C VAL A 152 -4.34 -12.64 -18.78
N MET A 153 -4.50 -13.07 -20.04
CA MET A 153 -5.82 -13.24 -20.65
C MET A 153 -6.03 -14.69 -21.05
N GLU A 154 -7.25 -15.01 -21.49
CA GLU A 154 -7.53 -16.36 -22.00
C GLU A 154 -6.94 -16.54 -23.39
N TYR A 155 -6.37 -17.72 -23.63
CA TYR A 155 -5.74 -18.03 -24.92
C TYR A 155 -6.80 -18.40 -25.94
N MET A 156 -6.74 -17.74 -27.10
CA MET A 156 -7.64 -18.03 -28.20
C MET A 156 -6.91 -18.89 -29.24
N PRO A 157 -7.14 -20.20 -29.21
CA PRO A 157 -6.37 -21.14 -30.03
C PRO A 157 -6.77 -21.13 -31.52
N GLY A 158 -7.89 -20.47 -31.83
CA GLY A 158 -8.40 -20.48 -33.17
C GLY A 158 -7.68 -19.54 -34.13
N GLY A 159 -6.98 -18.55 -33.58
CA GLY A 159 -6.27 -17.61 -34.42
C GLY A 159 -7.13 -16.43 -34.85
N ASP A 160 -6.52 -15.46 -35.55
CA ASP A 160 -7.25 -14.28 -36.01
C ASP A 160 -7.96 -14.49 -37.34
N LEU A 161 -8.78 -13.52 -37.72
CA LEU A 161 -9.56 -13.61 -38.96
C LEU A 161 -8.69 -13.32 -40.19
N VAL A 162 -7.55 -12.68 -39.99
CA VAL A 162 -6.61 -12.44 -41.09
C VAL A 162 -6.04 -13.77 -41.59
N ASN A 163 -5.68 -14.64 -40.66
CA ASN A 163 -5.15 -15.96 -41.00
C ASN A 163 -6.21 -16.82 -41.70
N LEU A 164 -7.47 -16.66 -41.29
CA LEU A 164 -8.58 -17.41 -41.90
C LEU A 164 -8.83 -16.93 -43.33
N MET A 165 -8.81 -15.62 -43.53
CA MET A 165 -9.05 -15.04 -44.84
C MET A 165 -7.91 -15.33 -45.84
N SER A 166 -6.72 -15.54 -45.31
CA SER A 166 -5.55 -15.78 -46.15
C SER A 166 -5.47 -17.22 -46.63
N ASN A 167 -6.08 -18.14 -45.88
CA ASN A 167 -5.99 -19.56 -46.21
C ASN A 167 -7.29 -20.12 -46.78
N TYR A 168 -8.30 -19.26 -46.92
CA TYR A 168 -9.60 -19.66 -47.47
C TYR A 168 -10.15 -18.61 -48.44
N ASP A 169 -10.95 -19.03 -49.40
CA ASP A 169 -11.77 -18.10 -50.17
C ASP A 169 -13.16 -18.10 -49.55
N VAL A 170 -13.40 -17.14 -48.65
CA VAL A 170 -14.59 -17.15 -47.80
C VAL A 170 -15.88 -17.05 -48.61
N PRO A 171 -16.77 -18.06 -48.48
CA PRO A 171 -18.10 -18.03 -49.09
C PRO A 171 -19.06 -17.18 -48.26
N GLU A 172 -20.16 -16.76 -48.88
CA GLU A 172 -21.12 -15.88 -48.20
C GLU A 172 -21.67 -16.47 -46.91
N LYS A 173 -21.87 -17.78 -46.88
CA LYS A 173 -22.42 -18.45 -45.71
C LYS A 173 -21.55 -18.18 -44.49
N TRP A 174 -20.24 -18.24 -44.67
CA TRP A 174 -19.29 -17.97 -43.60
C TRP A 174 -19.28 -16.47 -43.26
N ALA A 175 -19.22 -15.65 -44.31
CA ALA A 175 -19.15 -14.20 -44.14
C ALA A 175 -20.34 -13.71 -43.34
N ARG A 176 -21.51 -14.29 -43.60
CA ARG A 176 -22.73 -13.94 -42.88
C ARG A 176 -22.58 -14.24 -41.39
N PHE A 177 -21.96 -15.38 -41.09
CA PHE A 177 -21.77 -15.82 -39.70
C PHE A 177 -20.83 -14.87 -38.95
N TYR A 178 -19.67 -14.60 -39.54
CA TYR A 178 -18.67 -13.79 -38.87
C TYR A 178 -19.07 -12.32 -38.77
N THR A 179 -19.75 -11.81 -39.78
CA THR A 179 -20.24 -10.43 -39.74
C THR A 179 -21.29 -10.29 -38.63
N ALA A 180 -22.15 -11.29 -38.51
CA ALA A 180 -23.21 -11.27 -37.49
C ALA A 180 -22.64 -11.39 -36.08
N GLU A 181 -21.57 -12.15 -35.93
CA GLU A 181 -20.94 -12.31 -34.62
C GLU A 181 -20.20 -11.03 -34.23
N VAL A 182 -19.66 -10.33 -35.22
CA VAL A 182 -19.03 -9.03 -34.98
C VAL A 182 -20.06 -7.96 -34.57
N VAL A 183 -21.20 -7.96 -35.25
CA VAL A 183 -22.28 -7.03 -34.94
C VAL A 183 -22.75 -7.15 -33.49
N LEU A 184 -22.91 -8.38 -33.02
CA LEU A 184 -23.29 -8.62 -31.64
C LEU A 184 -22.14 -8.28 -30.67
N ALA A 185 -20.91 -8.49 -31.11
CA ALA A 185 -19.75 -8.18 -30.29
C ALA A 185 -19.59 -6.69 -30.09
N LEU A 186 -19.83 -5.92 -31.14
CA LEU A 186 -19.73 -4.46 -31.06
C LEU A 186 -20.91 -3.86 -30.30
N ASP A 187 -22.09 -4.47 -30.44
CA ASP A 187 -23.28 -4.00 -29.72
C ASP A 187 -23.11 -4.20 -28.21
N ALA A 188 -22.36 -5.24 -27.84
CA ALA A 188 -22.07 -5.50 -26.43
C ALA A 188 -21.08 -4.47 -25.89
N ILE A 189 -20.11 -4.09 -26.71
CA ILE A 189 -19.16 -3.05 -26.34
C ILE A 189 -19.82 -1.67 -26.28
N HIS A 190 -20.79 -1.45 -27.17
CA HIS A 190 -21.54 -0.20 -27.16
C HIS A 190 -22.41 -0.07 -25.91
N SER A 191 -22.98 -1.19 -25.47
CA SER A 191 -23.86 -1.20 -24.30
C SER A 191 -23.09 -0.82 -23.04
N MET A 192 -21.77 -1.07 -23.06
CA MET A 192 -20.91 -0.70 -21.94
C MET A 192 -20.60 0.79 -21.97
N GLY A 193 -20.98 1.45 -23.06
CA GLY A 193 -20.75 2.88 -23.18
C GLY A 193 -19.46 3.22 -23.90
N PHE A 194 -19.10 2.44 -24.91
CA PHE A 194 -17.85 2.63 -25.62
C PHE A 194 -18.03 2.65 -27.15
N ILE A 195 -17.24 3.46 -27.82
CA ILE A 195 -17.06 3.36 -29.27
C ILE A 195 -15.69 2.72 -29.51
N HIS A 196 -15.64 1.66 -30.31
CA HIS A 196 -14.41 0.90 -30.46
C HIS A 196 -13.34 1.64 -31.25
N ARG A 197 -13.73 2.24 -32.36
CA ARG A 197 -12.83 3.07 -33.17
C ARG A 197 -11.73 2.31 -33.93
N ASP A 198 -11.63 1.00 -33.71
CA ASP A 198 -10.63 0.19 -34.41
C ASP A 198 -11.14 -1.22 -34.68
N VAL A 199 -12.15 -1.35 -35.55
CA VAL A 199 -12.68 -2.65 -35.92
C VAL A 199 -11.95 -3.20 -37.15
N LYS A 200 -11.28 -4.34 -36.98
CA LYS A 200 -10.54 -4.99 -38.06
C LYS A 200 -10.28 -6.46 -37.72
N PRO A 201 -9.98 -7.28 -38.74
CA PRO A 201 -9.75 -8.72 -38.58
C PRO A 201 -8.58 -9.04 -37.63
N ASP A 202 -7.63 -8.11 -37.55
CA ASP A 202 -6.47 -8.30 -36.68
C ASP A 202 -6.89 -8.39 -35.22
N ASN A 203 -7.97 -7.70 -34.87
CA ASN A 203 -8.44 -7.65 -33.49
C ASN A 203 -9.56 -8.66 -33.22
N MET A 204 -9.83 -9.51 -34.21
CA MET A 204 -10.83 -10.57 -34.05
C MET A 204 -10.15 -11.93 -33.89
N LEU A 205 -10.45 -12.64 -32.81
CA LEU A 205 -9.88 -13.96 -32.59
C LEU A 205 -10.97 -15.02 -32.38
N LEU A 206 -10.66 -16.26 -32.73
CA LEU A 206 -11.60 -17.36 -32.57
C LEU A 206 -11.24 -18.23 -31.37
N ASP A 207 -12.24 -18.75 -30.66
CA ASP A 207 -12.01 -19.65 -29.54
C ASP A 207 -11.83 -21.10 -29.99
N LYS A 208 -11.79 -22.02 -29.04
CA LYS A 208 -11.54 -23.42 -29.37
C LYS A 208 -12.72 -24.05 -30.09
N SER A 209 -13.86 -23.36 -30.09
CA SER A 209 -15.03 -23.82 -30.81
C SER A 209 -15.14 -23.18 -32.18
N GLY A 210 -14.40 -22.09 -32.37
CA GLY A 210 -14.42 -21.41 -33.65
C GLY A 210 -15.26 -20.14 -33.68
N HIS A 211 -15.73 -19.72 -32.52
CA HIS A 211 -16.55 -18.51 -32.42
C HIS A 211 -15.71 -17.26 -32.14
N LEU A 212 -16.21 -16.11 -32.58
CA LEU A 212 -15.42 -14.87 -32.60
C LEU A 212 -15.47 -14.09 -31.28
N LYS A 213 -14.34 -13.50 -30.92
CA LYS A 213 -14.26 -12.57 -29.79
C LYS A 213 -13.42 -11.36 -30.21
N LEU A 214 -13.72 -10.19 -29.64
CA LEU A 214 -12.90 -9.02 -29.87
C LEU A 214 -11.74 -8.95 -28.87
N ALA A 215 -10.52 -9.14 -29.38
CA ALA A 215 -9.32 -8.96 -28.57
C ALA A 215 -8.76 -7.57 -28.80
N ASP A 216 -8.01 -7.06 -27.82
CA ASP A 216 -7.44 -5.71 -27.89
C ASP A 216 -8.47 -4.57 -27.94
N PHE A 217 -8.32 -3.62 -27.01
CA PHE A 217 -9.21 -2.47 -26.92
C PHE A 217 -8.42 -1.19 -26.66
N GLY A 218 -7.26 -1.06 -27.29
CA GLY A 218 -6.38 0.05 -26.98
C GLY A 218 -6.85 1.40 -27.49
N THR A 219 -7.94 1.43 -28.26
CA THR A 219 -8.44 2.68 -28.82
C THR A 219 -9.87 3.00 -28.38
N CYS A 220 -10.38 2.23 -27.41
CA CYS A 220 -11.75 2.45 -26.94
C CYS A 220 -11.89 3.70 -26.07
N MET A 221 -12.99 4.43 -26.25
CA MET A 221 -13.25 5.64 -25.49
C MET A 221 -14.70 5.68 -25.00
N LYS A 222 -14.93 6.38 -23.89
CA LYS A 222 -16.24 6.44 -23.27
C LYS A 222 -17.11 7.50 -23.94
N MET A 223 -18.36 7.14 -24.22
CA MET A 223 -19.33 8.08 -24.81
C MET A 223 -19.91 8.99 -23.74
N ASN A 224 -20.42 10.16 -24.15
CA ASN A 224 -21.08 11.07 -23.23
C ASN A 224 -22.57 10.80 -23.12
N LYS A 225 -23.32 11.77 -22.60
CA LYS A 225 -24.76 11.62 -22.42
C LYS A 225 -25.48 11.64 -23.78
N GLU A 226 -24.97 12.45 -24.71
CA GLU A 226 -25.56 12.53 -26.05
C GLU A 226 -25.12 11.34 -26.89
N GLY A 227 -24.19 10.55 -26.36
CA GLY A 227 -23.76 9.36 -27.07
C GLY A 227 -22.74 9.62 -28.17
N MET A 228 -21.96 10.69 -28.00
CA MET A 228 -20.98 11.10 -28.99
C MET A 228 -19.58 11.18 -28.38
N VAL A 229 -18.59 11.42 -29.23
CA VAL A 229 -17.20 11.55 -28.79
C VAL A 229 -16.54 12.78 -29.41
N ARG A 230 -15.91 13.59 -28.56
CA ARG A 230 -15.21 14.79 -29.02
C ARG A 230 -13.70 14.53 -29.04
N CYS A 231 -13.14 14.45 -30.24
CA CYS A 231 -11.71 14.16 -30.39
C CYS A 231 -11.07 15.04 -31.46
N ASP A 232 -9.85 15.50 -31.19
CA ASP A 232 -9.15 16.41 -32.10
C ASP A 232 -8.11 15.72 -32.97
N THR A 233 -7.84 14.45 -32.68
CA THR A 233 -6.90 13.67 -33.49
C THR A 233 -7.51 12.35 -33.99
N ALA A 234 -7.12 11.95 -35.20
CA ALA A 234 -7.67 10.74 -35.83
C ALA A 234 -7.11 9.48 -35.18
N VAL A 235 -7.96 8.44 -35.09
CA VAL A 235 -7.59 7.19 -34.43
C VAL A 235 -8.08 5.99 -35.22
N GLY A 236 -7.20 5.02 -35.44
CA GLY A 236 -7.61 3.79 -36.10
C GLY A 236 -6.63 3.20 -37.11
N THR A 237 -7.15 2.42 -38.04
CA THR A 237 -6.33 1.78 -39.08
C THR A 237 -6.72 2.34 -40.44
N PRO A 238 -5.72 2.65 -41.29
CA PRO A 238 -5.90 3.34 -42.59
C PRO A 238 -6.98 2.77 -43.51
N ASP A 239 -7.11 1.44 -43.54
CA ASP A 239 -8.06 0.80 -44.44
C ASP A 239 -9.47 0.83 -43.89
N TYR A 240 -9.60 0.66 -42.57
CA TYR A 240 -10.89 0.48 -41.95
C TYR A 240 -11.46 1.75 -41.30
N ILE A 241 -10.71 2.85 -41.42
CA ILE A 241 -11.10 4.10 -40.78
C ILE A 241 -12.24 4.75 -41.55
N SER A 242 -13.15 5.41 -40.82
CA SER A 242 -14.35 6.03 -41.40
C SER A 242 -14.04 7.45 -41.84
N PRO A 243 -14.85 8.02 -42.74
CA PRO A 243 -14.64 9.38 -43.27
C PRO A 243 -14.60 10.45 -42.17
N GLU A 244 -15.48 10.34 -41.18
CA GLU A 244 -15.57 11.38 -40.16
C GLU A 244 -14.45 11.29 -39.12
N VAL A 245 -14.02 10.08 -38.80
CA VAL A 245 -12.91 9.90 -37.87
C VAL A 245 -11.58 10.26 -38.52
N LEU A 246 -11.47 10.04 -39.83
CA LEU A 246 -10.25 10.37 -40.56
C LEU A 246 -10.05 11.89 -40.68
N LYS A 247 -11.14 12.63 -40.88
CA LYS A 247 -11.04 14.08 -41.02
C LYS A 247 -11.17 14.81 -39.68
N SER A 248 -11.04 14.06 -38.59
CA SER A 248 -11.14 14.63 -37.25
C SER A 248 -10.15 15.79 -37.05
N GLN A 249 -10.70 16.97 -36.79
CA GLN A 249 -9.90 18.19 -36.65
C GLN A 249 -10.31 18.99 -35.42
N GLY A 250 -9.60 20.10 -35.19
CA GLY A 250 -9.94 20.97 -34.07
C GLY A 250 -11.19 21.77 -34.34
N GLY A 251 -11.54 21.90 -35.62
CA GLY A 251 -12.76 22.62 -35.98
C GLY A 251 -14.01 22.00 -35.37
N ASP A 252 -14.02 20.67 -35.23
CA ASP A 252 -15.08 20.00 -34.50
C ASP A 252 -14.61 18.64 -33.97
N GLY A 253 -14.61 17.64 -34.83
CA GLY A 253 -14.22 16.30 -34.39
C GLY A 253 -15.21 15.70 -33.41
N TYR A 254 -16.47 15.60 -33.84
CA TYR A 254 -17.55 15.21 -32.93
C TYR A 254 -18.42 14.14 -33.61
N TYR A 255 -18.00 12.88 -33.48
CA TYR A 255 -18.69 11.77 -34.15
C TYR A 255 -19.36 10.80 -33.18
N GLY A 256 -20.32 10.03 -33.69
CA GLY A 256 -21.00 9.04 -32.88
C GLY A 256 -20.45 7.64 -33.08
N ARG A 257 -21.27 6.62 -32.84
CA ARG A 257 -20.82 5.23 -32.91
C ARG A 257 -20.99 4.65 -34.31
N GLU A 258 -21.46 5.48 -35.24
CA GLU A 258 -21.69 5.04 -36.61
C GLU A 258 -20.39 4.65 -37.30
N CYS A 259 -19.29 5.21 -36.83
CA CYS A 259 -17.97 4.94 -37.42
C CYS A 259 -17.58 3.47 -37.29
N ASP A 260 -18.06 2.82 -36.24
CA ASP A 260 -17.77 1.40 -36.04
C ASP A 260 -18.43 0.53 -37.11
N TRP A 261 -19.63 0.90 -37.53
CA TRP A 261 -20.36 0.12 -38.52
C TRP A 261 -19.76 0.28 -39.92
N TRP A 262 -19.19 1.45 -40.18
CA TRP A 262 -18.48 1.67 -41.43
C TRP A 262 -17.36 0.63 -41.57
N SER A 263 -16.68 0.36 -40.47
CA SER A 263 -15.57 -0.59 -40.46
C SER A 263 -16.06 -2.03 -40.66
N VAL A 264 -17.25 -2.33 -40.15
CA VAL A 264 -17.84 -3.64 -40.35
C VAL A 264 -18.16 -3.86 -41.83
N GLY A 265 -18.53 -2.79 -42.51
CA GLY A 265 -18.79 -2.88 -43.94
C GLY A 265 -17.50 -3.09 -44.71
N VAL A 266 -16.41 -2.48 -44.24
CA VAL A 266 -15.10 -2.70 -44.84
C VAL A 266 -14.69 -4.15 -44.57
N PHE A 267 -15.06 -4.66 -43.41
CA PHE A 267 -14.72 -6.03 -43.03
C PHE A 267 -15.47 -7.04 -43.91
N LEU A 268 -16.74 -6.77 -44.19
CA LEU A 268 -17.55 -7.68 -45.01
C LEU A 268 -17.06 -7.66 -46.45
N TYR A 269 -16.71 -6.48 -46.95
CA TYR A 269 -16.24 -6.33 -48.31
C TYR A 269 -14.97 -7.16 -48.55
N GLU A 270 -14.07 -7.14 -47.58
CA GLU A 270 -12.79 -7.85 -47.73
C GLU A 270 -12.97 -9.37 -47.73
N MET A 271 -13.90 -9.87 -46.91
CA MET A 271 -14.12 -11.30 -46.81
C MET A 271 -14.65 -11.92 -48.12
N LEU A 272 -15.37 -11.14 -48.90
CA LEU A 272 -15.94 -11.63 -50.16
C LEU A 272 -15.06 -11.31 -51.37
N VAL A 273 -14.76 -10.02 -51.55
CA VAL A 273 -13.99 -9.59 -52.72
C VAL A 273 -12.55 -10.10 -52.68
N GLY A 274 -11.93 -10.00 -51.51
CA GLY A 274 -10.57 -10.48 -51.37
C GLY A 274 -9.59 -9.37 -51.06
N ASP A 275 -10.02 -8.13 -51.30
CA ASP A 275 -9.19 -6.96 -51.06
C ASP A 275 -9.96 -5.91 -50.27
N THR A 276 -9.26 -4.91 -49.76
CA THR A 276 -9.90 -3.77 -49.09
C THR A 276 -10.61 -2.89 -50.11
N PRO A 277 -11.77 -2.34 -49.74
CA PRO A 277 -12.57 -1.51 -50.65
C PRO A 277 -11.84 -0.23 -51.13
N PHE A 278 -10.79 0.16 -50.42
CA PHE A 278 -10.07 1.37 -50.77
C PHE A 278 -8.56 1.13 -50.83
N TYR A 279 -8.16 0.04 -51.47
CA TYR A 279 -6.75 -0.29 -51.66
C TYR A 279 -6.08 0.71 -52.59
N ALA A 280 -4.77 0.91 -52.40
CA ALA A 280 -4.00 1.80 -53.25
C ALA A 280 -2.55 1.34 -53.40
N ASP A 281 -1.84 1.97 -54.33
CA ASP A 281 -0.43 1.67 -54.57
C ASP A 281 0.39 2.07 -53.35
N SER A 282 -0.01 3.16 -52.71
CA SER A 282 0.65 3.63 -51.49
C SER A 282 -0.33 3.66 -50.32
N LEU A 283 0.12 4.19 -49.18
CA LEU A 283 -0.72 4.27 -47.98
C LEU A 283 -1.58 5.53 -48.08
N VAL A 284 -1.00 6.64 -48.53
CA VAL A 284 -1.72 7.90 -48.61
C VAL A 284 -2.76 7.91 -49.74
N GLY A 285 -2.68 6.92 -50.62
CA GLY A 285 -3.68 6.79 -51.67
C GLY A 285 -5.02 6.30 -51.12
N THR A 286 -4.95 5.33 -50.23
CA THR A 286 -6.14 4.81 -49.54
C THR A 286 -6.93 5.97 -48.94
N TYR A 287 -6.20 7.00 -48.49
CA TYR A 287 -6.81 8.17 -47.86
C TYR A 287 -7.72 8.91 -48.83
N SER A 288 -7.21 9.23 -50.02
CA SER A 288 -7.99 9.92 -51.02
C SER A 288 -9.15 9.06 -51.51
N LYS A 289 -8.90 7.75 -51.59
CA LYS A 289 -9.95 6.82 -52.01
C LYS A 289 -11.08 6.73 -50.98
N ILE A 290 -10.75 6.85 -49.70
CA ILE A 290 -11.77 6.82 -48.64
C ILE A 290 -12.60 8.11 -48.62
N MET A 291 -11.93 9.25 -48.69
CA MET A 291 -12.62 10.55 -48.70
C MET A 291 -13.52 10.67 -49.93
N ASN A 292 -13.20 9.91 -50.96
CA ASN A 292 -13.97 9.91 -52.21
C ASN A 292 -14.72 8.58 -52.37
N HIS A 293 -15.31 8.11 -51.28
CA HIS A 293 -15.97 6.80 -51.25
C HIS A 293 -17.16 6.73 -52.22
N LYS A 294 -17.75 7.88 -52.51
CA LYS A 294 -18.91 7.94 -53.40
C LYS A 294 -18.59 7.38 -54.79
N ASN A 295 -17.44 7.74 -55.32
CA ASN A 295 -17.06 7.32 -56.68
C ASN A 295 -16.03 6.19 -56.71
N SER A 296 -15.32 5.99 -55.60
CA SER A 296 -14.27 4.97 -55.56
C SER A 296 -14.76 3.57 -55.17
N LEU A 297 -15.88 3.49 -54.45
CA LEU A 297 -16.42 2.19 -54.02
C LEU A 297 -17.04 1.45 -55.21
N THR A 298 -16.31 0.46 -55.72
CA THR A 298 -16.79 -0.37 -56.82
C THR A 298 -16.49 -1.84 -56.57
N PHE A 299 -17.43 -2.70 -56.91
CA PHE A 299 -17.22 -4.15 -56.86
C PHE A 299 -16.61 -4.63 -58.18
N PRO A 300 -15.68 -5.58 -58.11
CA PRO A 300 -15.06 -6.14 -59.32
C PRO A 300 -16.07 -6.98 -60.13
N ASP A 301 -15.83 -7.08 -61.44
CA ASP A 301 -16.73 -7.82 -62.32
C ASP A 301 -16.65 -9.33 -62.06
N ASP A 302 -17.53 -9.82 -61.19
CA ASP A 302 -17.58 -11.24 -60.85
C ASP A 302 -18.94 -11.53 -60.22
N ASN A 303 -19.66 -12.50 -60.77
CA ASN A 303 -20.95 -12.89 -60.22
C ASN A 303 -20.82 -14.02 -59.20
N ASP A 304 -20.80 -13.62 -57.93
CA ASP A 304 -20.74 -14.54 -56.80
C ASP A 304 -21.11 -13.77 -55.54
N ILE A 305 -21.06 -12.44 -55.62
CA ILE A 305 -21.53 -11.57 -54.55
C ILE A 305 -23.02 -11.36 -54.74
N SER A 306 -23.83 -11.93 -53.84
CA SER A 306 -25.29 -11.83 -53.94
C SER A 306 -25.73 -10.37 -53.83
N LYS A 307 -26.92 -10.08 -54.34
CA LYS A 307 -27.45 -8.72 -54.31
C LYS A 307 -27.44 -8.18 -52.88
N GLU A 308 -27.86 -9.01 -51.93
CA GLU A 308 -27.94 -8.61 -50.53
C GLU A 308 -26.59 -8.22 -49.93
N ALA A 309 -25.54 -8.95 -50.31
CA ALA A 309 -24.21 -8.65 -49.81
C ALA A 309 -23.74 -7.27 -50.30
N LYS A 310 -23.95 -7.00 -51.58
CA LYS A 310 -23.60 -5.71 -52.16
C LYS A 310 -24.37 -4.56 -51.49
N ASN A 311 -25.66 -4.80 -51.21
CA ASN A 311 -26.51 -3.78 -50.62
C ASN A 311 -26.04 -3.41 -49.21
N LEU A 312 -25.70 -4.40 -48.40
CA LEU A 312 -25.29 -4.17 -47.00
C LEU A 312 -23.95 -3.45 -46.97
N ILE A 313 -23.00 -3.90 -47.79
CA ILE A 313 -21.69 -3.28 -47.86
C ILE A 313 -21.82 -1.80 -48.24
N CYS A 314 -22.75 -1.50 -49.15
CA CYS A 314 -23.01 -0.13 -49.55
C CYS A 314 -23.78 0.66 -48.51
N ALA A 315 -24.65 -0.03 -47.77
CA ALA A 315 -25.43 0.61 -46.71
C ALA A 315 -24.51 1.04 -45.56
N PHE A 316 -23.39 0.34 -45.42
CA PHE A 316 -22.39 0.70 -44.41
C PHE A 316 -21.35 1.69 -44.97
N LEU A 317 -20.93 1.51 -46.21
CA LEU A 317 -19.89 2.35 -46.77
C LEU A 317 -20.45 3.58 -47.48
N THR A 318 -21.09 4.45 -46.70
CA THR A 318 -21.62 5.74 -47.19
C THR A 318 -21.57 6.79 -46.06
N ASP A 319 -21.94 8.02 -46.40
CA ASP A 319 -21.89 9.12 -45.43
C ASP A 319 -22.65 8.83 -44.15
N ARG A 320 -22.11 9.32 -43.03
CA ARG A 320 -22.64 9.02 -41.69
C ARG A 320 -24.13 9.26 -41.54
N GLU A 321 -24.62 10.35 -42.11
CA GLU A 321 -26.02 10.73 -41.96
C GLU A 321 -27.00 9.77 -42.63
N VAL A 322 -26.53 9.05 -43.65
CA VAL A 322 -27.38 8.09 -44.35
C VAL A 322 -27.00 6.65 -43.96
N ARG A 323 -25.77 6.47 -43.49
CA ARG A 323 -25.24 5.13 -43.17
C ARG A 323 -26.14 4.29 -42.26
N LEU A 324 -26.34 3.03 -42.64
CA LEU A 324 -27.18 2.10 -41.88
C LEU A 324 -26.60 1.85 -40.50
N GLY A 325 -27.47 1.67 -39.52
CA GLY A 325 -27.01 1.49 -38.15
C GLY A 325 -27.07 2.78 -37.36
N ARG A 326 -27.60 3.83 -37.99
CA ARG A 326 -27.72 5.14 -37.35
C ARG A 326 -28.86 5.16 -36.34
N ASN A 327 -29.93 4.43 -36.63
CA ASN A 327 -31.12 4.42 -35.80
C ASN A 327 -31.14 3.21 -34.86
N GLY A 328 -29.96 2.79 -34.40
CA GLY A 328 -29.88 1.63 -33.53
C GLY A 328 -29.36 0.39 -34.24
N VAL A 329 -29.04 -0.66 -33.48
CA VAL A 329 -28.45 -1.87 -34.04
C VAL A 329 -29.51 -2.80 -34.62
N GLU A 330 -30.77 -2.57 -34.28
CA GLU A 330 -31.85 -3.47 -34.71
C GLU A 330 -32.17 -3.38 -36.20
N GLU A 331 -31.88 -2.24 -36.81
CA GLU A 331 -32.12 -2.09 -38.25
C GLU A 331 -31.03 -2.75 -39.09
N ILE A 332 -29.90 -3.08 -38.45
CA ILE A 332 -28.86 -3.86 -39.11
C ILE A 332 -29.23 -5.35 -39.09
N LYS A 333 -29.72 -5.82 -37.96
CA LYS A 333 -30.12 -7.22 -37.82
C LYS A 333 -31.28 -7.57 -38.74
N ARG A 334 -32.14 -6.60 -39.00
CA ARG A 334 -33.31 -6.81 -39.85
C ARG A 334 -32.96 -6.89 -41.33
N HIS A 335 -31.70 -6.62 -41.67
CA HIS A 335 -31.27 -6.64 -43.08
C HIS A 335 -31.40 -8.04 -43.69
N LEU A 336 -31.69 -8.08 -44.99
CA LEU A 336 -31.99 -9.32 -45.68
C LEU A 336 -30.74 -10.20 -45.91
N PHE A 337 -29.56 -9.59 -45.85
CA PHE A 337 -28.32 -10.34 -46.02
C PHE A 337 -28.20 -11.40 -44.93
N PHE A 338 -28.63 -11.06 -43.72
CA PHE A 338 -28.52 -11.97 -42.59
C PHE A 338 -29.63 -13.02 -42.60
N LYS A 339 -30.67 -12.79 -43.40
CA LYS A 339 -31.78 -13.72 -43.47
C LYS A 339 -31.30 -15.09 -43.92
N ASN A 340 -31.20 -16.01 -42.97
CA ASN A 340 -30.75 -17.38 -43.26
C ASN A 340 -31.71 -18.39 -42.64
N ASP A 341 -31.34 -19.67 -42.72
CA ASP A 341 -32.17 -20.72 -42.16
C ASP A 341 -31.32 -21.75 -41.42
N GLN A 342 -30.26 -21.27 -40.77
CA GLN A 342 -29.38 -22.15 -40.01
C GLN A 342 -29.24 -21.69 -38.56
N TRP A 343 -29.41 -20.38 -38.34
CA TRP A 343 -29.36 -19.82 -36.98
C TRP A 343 -30.24 -18.58 -36.76
N ALA A 344 -30.42 -18.21 -35.50
CA ALA A 344 -31.08 -16.96 -35.14
C ALA A 344 -30.14 -16.14 -34.24
N TRP A 345 -30.32 -14.83 -34.23
CA TRP A 345 -29.42 -13.95 -33.51
C TRP A 345 -29.27 -14.29 -32.03
N GLU A 346 -30.39 -14.52 -31.37
CA GLU A 346 -30.39 -14.77 -29.93
C GLU A 346 -29.80 -16.14 -29.56
N THR A 347 -29.49 -16.95 -30.58
CA THR A 347 -28.90 -18.27 -30.34
C THR A 347 -27.71 -18.56 -31.25
N LEU A 348 -27.14 -17.50 -31.85
CA LEU A 348 -26.05 -17.65 -32.83
C LEU A 348 -24.80 -18.29 -32.25
N ARG A 349 -24.35 -17.84 -31.08
CA ARG A 349 -23.08 -18.35 -30.54
C ARG A 349 -23.27 -19.72 -29.88
N ASP A 350 -24.46 -20.28 -30.03
CA ASP A 350 -24.73 -21.64 -29.56
C ASP A 350 -24.78 -22.64 -30.72
N THR A 351 -24.86 -22.12 -31.95
CA THR A 351 -24.84 -22.98 -33.13
C THR A 351 -23.40 -23.38 -33.49
N VAL A 352 -23.26 -24.33 -34.41
CA VAL A 352 -21.93 -24.83 -34.78
C VAL A 352 -21.25 -23.88 -35.77
N ALA A 353 -19.98 -23.59 -35.51
CA ALA A 353 -19.21 -22.62 -36.29
C ALA A 353 -18.89 -23.18 -37.67
N PRO A 354 -18.71 -22.31 -38.67
CA PRO A 354 -18.33 -22.70 -40.04
C PRO A 354 -16.98 -23.42 -40.13
N VAL A 355 -16.02 -22.98 -39.30
CA VAL A 355 -14.72 -23.64 -39.25
C VAL A 355 -14.39 -23.99 -37.80
N VAL A 356 -14.58 -25.25 -37.44
CA VAL A 356 -14.22 -25.73 -36.11
C VAL A 356 -12.75 -26.16 -36.09
N PRO A 357 -11.95 -25.54 -35.22
CA PRO A 357 -10.51 -25.84 -35.16
C PRO A 357 -10.23 -27.23 -34.58
N ASP A 358 -9.25 -27.93 -35.15
CA ASP A 358 -8.84 -29.23 -34.65
C ASP A 358 -7.54 -29.08 -33.87
N LEU A 359 -7.60 -29.29 -32.56
CA LEU A 359 -6.47 -29.03 -31.68
C LEU A 359 -5.86 -30.31 -31.11
N SER A 360 -4.53 -30.31 -30.94
CA SER A 360 -3.81 -31.48 -30.47
C SER A 360 -3.58 -31.48 -28.97
N SER A 361 -3.41 -30.30 -28.39
CA SER A 361 -3.19 -30.16 -26.95
C SER A 361 -3.65 -28.80 -26.43
N ASP A 362 -3.43 -28.56 -25.13
CA ASP A 362 -3.79 -27.28 -24.52
C ASP A 362 -2.88 -26.15 -25.01
N ILE A 363 -1.76 -26.52 -25.62
CA ILE A 363 -0.81 -25.55 -26.15
C ILE A 363 -0.61 -25.64 -27.67
N ASP A 364 -1.62 -26.13 -28.38
CA ASP A 364 -1.54 -26.23 -29.84
C ASP A 364 -1.56 -24.83 -30.48
N THR A 365 -0.43 -24.45 -31.07
CA THR A 365 -0.29 -23.13 -31.67
C THR A 365 -0.12 -23.21 -33.19
N SER A 366 -0.89 -24.09 -33.81
CA SER A 366 -0.81 -24.29 -35.26
C SER A 366 -1.41 -23.12 -36.03
N ASN A 367 -2.49 -22.55 -35.49
CA ASN A 367 -3.17 -21.45 -36.15
C ASN A 367 -2.43 -20.12 -36.03
N PHE A 368 -1.28 -20.15 -35.37
CA PHE A 368 -0.45 -18.96 -35.25
C PHE A 368 0.91 -19.11 -35.97
N ASP A 369 1.18 -18.20 -36.90
CA ASP A 369 2.41 -18.25 -37.68
C ASP A 369 3.62 -18.01 -36.79
N ASP A 370 4.75 -18.62 -37.17
CA ASP A 370 5.97 -18.57 -36.36
C ASP A 370 6.52 -17.14 -36.20
N LEU A 371 6.94 -16.82 -34.98
CA LEU A 371 7.66 -15.58 -34.72
C LEU A 371 9.10 -15.89 -34.29
N GLU A 372 9.78 -14.95 -33.64
CA GLU A 372 11.22 -15.12 -33.39
C GLU A 372 11.63 -15.49 -31.95
N GLU A 373 11.07 -14.82 -30.95
CA GLU A 373 11.43 -15.02 -29.55
C GLU A 373 12.77 -14.38 -29.15
N ASP A 374 12.92 -14.07 -27.85
CA ASP A 374 14.14 -13.50 -27.27
C ASP A 374 14.44 -12.04 -27.66
N LYS A 375 14.96 -11.84 -28.87
CA LYS A 375 15.34 -10.51 -29.37
C LYS A 375 16.52 -9.87 -28.64
N GLY A 376 17.04 -10.55 -27.62
CA GLY A 376 18.11 -10.00 -26.83
C GLY A 376 17.62 -9.39 -25.53
N GLU A 377 17.96 -8.11 -25.30
CA GLU A 377 17.45 -7.38 -24.15
C GLU A 377 17.10 -5.94 -24.53
N GLU A 378 15.86 -5.53 -24.23
CA GLU A 378 15.38 -4.19 -24.56
C GLU A 378 15.77 -3.20 -23.46
N GLU A 379 16.25 -2.03 -23.86
CA GLU A 379 16.66 -1.01 -22.90
C GLU A 379 15.47 -0.26 -22.31
N THR A 380 15.51 -0.05 -21.00
CA THR A 380 14.41 0.59 -20.28
C THR A 380 14.77 2.00 -19.82
N PHE A 381 14.16 2.48 -18.74
CA PHE A 381 14.37 3.84 -18.25
C PHE A 381 15.84 4.12 -17.90
N PRO A 382 16.26 5.39 -18.02
CA PRO A 382 17.63 5.77 -17.63
C PRO A 382 17.77 5.87 -16.10
N ILE A 383 18.91 5.42 -15.57
CA ILE A 383 19.16 5.48 -14.13
C ILE A 383 19.10 6.92 -13.65
N PRO A 384 18.15 7.21 -12.74
CA PRO A 384 17.81 8.58 -12.29
C PRO A 384 18.96 9.24 -11.54
N LYS A 385 19.13 10.55 -11.76
CA LYS A 385 20.08 11.33 -10.99
C LYS A 385 19.37 11.89 -9.76
N ALA A 386 18.14 12.34 -9.95
CA ALA A 386 17.27 12.78 -8.86
C ALA A 386 15.94 12.03 -8.93
N PHE A 387 15.03 12.32 -8.01
CA PHE A 387 13.74 11.62 -7.98
C PHE A 387 12.92 11.90 -9.23
N VAL A 388 12.67 10.85 -10.02
CA VAL A 388 11.91 10.99 -11.26
C VAL A 388 10.47 10.49 -11.11
N GLY A 389 10.28 9.37 -10.44
CA GLY A 389 8.94 8.87 -10.19
C GLY A 389 8.25 8.25 -11.39
N ASN A 390 8.97 7.38 -12.11
CA ASN A 390 8.48 6.81 -13.36
C ASN A 390 7.42 5.71 -13.18
N GLN A 391 7.26 5.23 -11.96
CA GLN A 391 6.30 4.16 -11.70
C GLN A 391 4.93 4.70 -11.26
N LEU A 392 4.88 5.99 -10.94
CA LEU A 392 3.64 6.61 -10.49
C LEU A 392 2.50 6.55 -11.51
N PRO A 393 2.81 6.68 -12.82
CA PRO A 393 1.78 6.52 -13.85
C PRO A 393 1.10 5.14 -13.89
N PHE A 394 1.86 4.10 -13.53
CA PHE A 394 1.36 2.74 -13.63
C PHE A 394 0.94 2.17 -12.27
N VAL A 395 0.60 3.05 -11.33
CA VAL A 395 0.14 2.63 -10.00
C VAL A 395 -1.33 2.21 -10.03
N GLY A 396 -1.61 1.02 -9.51
CA GLY A 396 -2.99 0.56 -9.44
C GLY A 396 -3.45 -0.22 -10.67
N PHE A 397 -2.52 -0.53 -11.58
CA PHE A 397 -2.83 -1.31 -12.77
C PHE A 397 -3.07 -2.77 -12.38
N THR A 398 -2.51 -3.17 -11.25
CA THR A 398 -2.55 -4.57 -10.81
C THR A 398 -3.97 -5.08 -10.58
N TYR A 399 -4.22 -6.31 -11.05
CA TYR A 399 -5.52 -6.98 -10.87
C TYR A 399 -5.25 -8.39 -10.36
N TYR A 400 -5.21 -8.54 -9.03
CA TYR A 400 -4.80 -9.80 -8.39
C TYR A 400 -5.44 -9.97 -7.01
N SER A 401 -5.25 -8.98 -6.14
CA SER A 401 -5.74 -9.09 -4.77
C SER A 401 -7.22 -8.73 -4.63
N ASN A 402 -7.70 -7.82 -5.47
CA ASN A 402 -9.10 -7.42 -5.43
C ASN A 402 -9.79 -7.62 -6.78
N ARG A 403 -9.92 -8.88 -7.20
CA ARG A 403 -10.61 -9.20 -8.45
C ARG A 403 -12.09 -9.42 -8.16
N ARG A 404 -12.94 -9.23 -9.16
CA ARG A 404 -14.38 -9.39 -9.00
C ARG A 404 -14.80 -10.83 -9.30
N TYR A 405 -15.57 -11.43 -8.39
CA TYR A 405 -16.02 -12.80 -8.55
C TYR A 405 -17.54 -12.89 -8.65
N MET B 5 5.30 -24.50 -1.64
CA MET B 5 4.09 -23.67 -1.39
C MET B 5 3.24 -23.56 -2.66
N SER B 6 1.91 -23.63 -2.49
CA SER B 6 0.99 -23.57 -3.61
C SER B 6 0.52 -22.15 -3.89
N PHE B 7 -0.26 -21.98 -4.96
CA PHE B 7 -0.79 -20.68 -5.35
C PHE B 7 -1.88 -20.23 -4.39
N GLU B 8 -2.72 -21.17 -3.96
CA GLU B 8 -3.75 -20.86 -2.99
C GLU B 8 -3.16 -20.43 -1.65
N THR B 9 -1.94 -20.89 -1.38
CA THR B 9 -1.24 -20.54 -0.15
C THR B 9 -0.58 -19.16 -0.29
N ARG B 10 0.15 -18.96 -1.39
CA ARG B 10 0.82 -17.68 -1.64
C ARG B 10 -0.16 -16.50 -1.67
N PHE B 11 -1.34 -16.73 -2.23
CA PHE B 11 -2.37 -15.70 -2.31
C PHE B 11 -2.90 -15.38 -0.92
N GLU B 12 -3.15 -16.42 -0.13
CA GLU B 12 -3.76 -16.24 1.20
C GLU B 12 -2.79 -15.72 2.25
N LYS B 13 -1.51 -16.08 2.12
CA LYS B 13 -0.48 -15.52 2.99
C LYS B 13 -0.41 -14.02 2.80
N MET B 14 -0.54 -13.57 1.56
CA MET B 14 -0.53 -12.15 1.23
C MET B 14 -1.78 -11.44 1.79
N ASP B 15 -2.93 -12.09 1.66
CA ASP B 15 -4.19 -11.48 2.08
C ASP B 15 -4.28 -11.32 3.60
N ASN B 16 -3.65 -12.23 4.33
CA ASN B 16 -3.61 -12.15 5.79
C ASN B 16 -2.70 -11.03 6.28
N LEU B 17 -1.69 -10.68 5.49
CA LEU B 17 -0.74 -9.65 5.85
C LEU B 17 -1.38 -8.25 5.88
N LEU B 18 -2.48 -8.08 5.16
CA LEU B 18 -3.18 -6.79 5.16
C LEU B 18 -4.13 -6.63 6.35
N ARG B 19 -4.29 -7.68 7.14
CA ARG B 19 -5.08 -7.59 8.36
C ARG B 19 -4.25 -7.79 9.64
N ASP B 20 -3.06 -8.36 9.50
CA ASP B 20 -2.18 -8.59 10.65
C ASP B 20 -1.69 -7.27 11.22
N PRO B 21 -1.97 -7.00 12.51
CA PRO B 21 -1.61 -5.74 13.18
C PRO B 21 -0.09 -5.60 13.34
N LYS B 22 0.62 -6.72 13.35
CA LYS B 22 2.06 -6.71 13.52
C LYS B 22 2.80 -6.53 12.20
N SER B 23 2.07 -6.68 11.08
CA SER B 23 2.67 -6.60 9.76
C SER B 23 3.02 -5.16 9.36
N GLU B 24 4.15 -4.99 8.68
CA GLU B 24 4.60 -3.68 8.21
C GLU B 24 3.91 -3.30 6.91
N VAL B 25 3.29 -4.28 6.25
CA VAL B 25 2.53 -4.01 5.02
C VAL B 25 1.02 -4.15 5.23
N ASN B 26 0.60 -4.03 6.49
CA ASN B 26 -0.81 -3.99 6.85
C ASN B 26 -1.54 -2.79 6.21
N SER B 27 -2.86 -2.92 6.06
CA SER B 27 -3.65 -1.92 5.34
C SER B 27 -3.38 -0.47 5.77
N ASP B 28 -3.25 -0.25 7.08
CA ASP B 28 -3.02 1.10 7.60
C ASP B 28 -1.63 1.64 7.25
N CYS B 29 -0.65 0.73 7.17
CA CYS B 29 0.71 1.12 6.82
C CYS B 29 0.81 1.47 5.33
N LEU B 30 0.06 0.75 4.51
CA LEU B 30 0.02 1.02 3.07
C LEU B 30 -0.72 2.34 2.81
N LEU B 31 -1.77 2.60 3.60
CA LEU B 31 -2.52 3.84 3.48
C LEU B 31 -1.67 5.03 3.93
N ASP B 32 -0.74 4.77 4.85
CA ASP B 32 0.21 5.78 5.30
C ASP B 32 1.16 6.15 4.16
N GLY B 33 1.70 5.13 3.50
CA GLY B 33 2.67 5.36 2.44
C GLY B 33 2.14 6.20 1.30
N LEU B 34 0.83 6.12 1.03
CA LEU B 34 0.22 6.93 -0.02
C LEU B 34 -0.10 8.32 0.53
N ASP B 35 -0.62 8.38 1.75
CA ASP B 35 -0.91 9.66 2.41
C ASP B 35 0.38 10.48 2.52
N ALA B 36 1.48 9.81 2.80
CA ALA B 36 2.78 10.46 2.95
C ALA B 36 3.30 10.98 1.62
N LEU B 37 3.25 10.14 0.59
CA LEU B 37 3.82 10.49 -0.72
C LEU B 37 3.12 11.67 -1.34
N VAL B 38 1.86 11.90 -0.98
CA VAL B 38 1.13 13.07 -1.47
C VAL B 38 1.63 14.35 -0.81
N TYR B 39 1.91 14.31 0.49
CA TYR B 39 2.46 15.47 1.19
C TYR B 39 3.87 15.82 0.70
N ASP B 40 4.73 14.82 0.59
CA ASP B 40 6.11 15.05 0.17
C ASP B 40 6.29 15.12 -1.35
N LEU B 41 5.23 15.50 -2.06
CA LEU B 41 5.30 15.74 -3.50
C LEU B 41 4.47 16.95 -3.94
N ASP B 42 3.45 17.31 -3.17
CA ASP B 42 2.56 18.40 -3.55
C ASP B 42 3.21 19.77 -3.29
N PHE B 43 4.25 20.06 -4.05
CA PHE B 43 4.89 21.36 -4.03
C PHE B 43 5.07 21.84 -5.47
N PRO B 44 4.70 23.11 -5.75
CA PRO B 44 4.66 23.69 -7.10
C PRO B 44 5.95 23.54 -7.90
N ALA B 45 7.06 23.31 -7.20
CA ALA B 45 8.35 23.12 -7.86
C ALA B 45 8.46 21.72 -8.45
N LEU B 46 7.80 20.76 -7.81
CA LEU B 46 7.86 19.37 -8.27
C LEU B 46 6.72 19.03 -9.24
N ARG B 47 5.82 19.98 -9.46
CA ARG B 47 4.73 19.80 -10.42
C ARG B 47 5.23 19.88 -11.87
N LYS B 48 6.46 20.38 -12.04
CA LYS B 48 7.09 20.44 -13.35
C LYS B 48 7.20 19.06 -13.98
N ASN B 49 7.59 18.08 -13.16
CA ASN B 49 7.63 16.69 -13.59
C ASN B 49 6.20 16.19 -13.80
N LYS B 50 5.94 15.60 -14.96
CA LYS B 50 4.59 15.18 -15.30
C LYS B 50 4.17 13.89 -14.60
N ASN B 51 5.12 12.98 -14.41
CA ASN B 51 4.85 11.74 -13.67
C ASN B 51 4.32 12.04 -12.26
N ILE B 52 4.77 13.15 -11.69
CA ILE B 52 4.30 13.56 -10.36
C ILE B 52 2.97 14.32 -10.47
N ASP B 53 2.89 15.26 -11.41
CA ASP B 53 1.66 16.03 -11.62
C ASP B 53 0.47 15.12 -11.95
N ASN B 54 0.71 14.12 -12.78
CA ASN B 54 -0.34 13.18 -13.17
C ASN B 54 -0.73 12.26 -12.00
N PHE B 55 0.25 11.88 -11.19
CA PHE B 55 -0.01 11.03 -10.03
C PHE B 55 -0.83 11.75 -8.97
N LEU B 56 -0.55 13.03 -8.75
CA LEU B 56 -1.25 13.81 -7.75
C LEU B 56 -2.66 14.18 -8.21
N SER B 57 -2.82 14.43 -9.51
CA SER B 57 -4.11 14.83 -10.06
C SER B 57 -5.13 13.70 -9.99
N ARG B 58 -4.64 12.46 -10.09
CA ARG B 58 -5.52 11.29 -10.06
C ARG B 58 -6.04 11.04 -8.65
N TYR B 59 -5.16 11.12 -7.67
CA TYR B 59 -5.52 10.78 -6.29
C TYR B 59 -5.99 11.97 -5.46
N LYS B 60 -6.43 13.04 -6.12
CA LYS B 60 -6.92 14.22 -5.41
C LYS B 60 -8.19 13.87 -4.63
N ASP B 61 -9.29 13.69 -5.35
CA ASP B 61 -10.58 13.36 -4.72
C ASP B 61 -10.46 12.18 -3.75
N THR B 62 -9.54 11.27 -4.06
CA THR B 62 -9.40 10.05 -3.28
C THR B 62 -8.67 10.32 -1.96
N ILE B 63 -7.49 10.92 -2.03
CA ILE B 63 -6.66 11.07 -0.82
C ILE B 63 -7.26 12.11 0.14
N ASN B 64 -8.04 13.05 -0.36
CA ASN B 64 -8.77 14.00 0.49
C ASN B 64 -9.81 13.27 1.34
N LYS B 65 -10.47 12.29 0.72
CA LYS B 65 -11.54 11.53 1.37
C LYS B 65 -10.96 10.54 2.39
N ILE B 66 -9.78 9.99 2.07
CA ILE B 66 -9.09 9.08 2.99
C ILE B 66 -8.70 9.83 4.27
N ARG B 67 -8.18 11.04 4.12
CA ARG B 67 -7.76 11.86 5.25
C ARG B 67 -8.97 12.40 6.03
N ASP B 68 -10.17 12.04 5.59
CA ASP B 68 -11.39 12.49 6.23
C ASP B 68 -12.06 11.36 7.02
N LEU B 69 -11.90 10.13 6.54
CA LEU B 69 -12.55 8.97 7.16
C LEU B 69 -11.74 8.37 8.31
N ARG B 70 -10.42 8.26 8.13
CA ARG B 70 -9.53 7.68 9.13
C ARG B 70 -9.54 8.46 10.44
N MET B 71 -9.00 7.85 11.50
CA MET B 71 -8.99 8.48 12.82
C MET B 71 -8.14 9.75 12.80
N LYS B 72 -8.76 10.89 13.09
CA LYS B 72 -8.08 12.17 13.08
C LYS B 72 -8.14 12.86 14.45
N ALA B 73 -7.40 13.96 14.57
CA ALA B 73 -7.25 14.63 15.86
C ALA B 73 -8.55 15.23 16.40
N GLU B 74 -9.37 15.78 15.50
CA GLU B 74 -10.60 16.44 15.92
C GLU B 74 -11.71 15.46 16.29
N ASP B 75 -11.39 14.17 16.27
CA ASP B 75 -12.31 13.14 16.75
C ASP B 75 -12.34 13.13 18.28
N TYR B 76 -11.32 13.69 18.90
CA TYR B 76 -11.22 13.72 20.36
C TYR B 76 -11.48 15.10 20.94
N GLU B 77 -12.13 15.13 22.10
CA GLU B 77 -12.40 16.36 22.83
C GLU B 77 -11.39 16.50 23.96
N VAL B 78 -10.54 17.53 23.89
CA VAL B 78 -9.52 17.76 24.91
C VAL B 78 -10.16 18.23 26.22
N VAL B 79 -9.75 17.63 27.33
CA VAL B 79 -10.32 17.96 28.64
C VAL B 79 -9.31 18.79 29.45
N LYS B 80 -8.06 18.33 29.50
CA LYS B 80 -7.01 19.04 30.25
C LYS B 80 -5.62 18.49 29.90
N VAL B 81 -4.61 19.36 29.89
CA VAL B 81 -3.23 18.92 29.69
C VAL B 81 -2.69 18.34 30.99
N ILE B 82 -2.15 17.12 30.93
CA ILE B 82 -1.73 16.42 32.13
C ILE B 82 -0.23 16.04 32.13
N GLY B 83 0.40 16.12 30.97
CA GLY B 83 1.82 15.79 30.89
C GLY B 83 2.57 16.52 29.80
N ARG B 84 3.90 16.61 29.93
CA ARG B 84 4.73 17.23 28.92
C ARG B 84 5.93 16.36 28.57
N GLY B 85 6.07 16.04 27.28
CA GLY B 85 7.23 15.28 26.84
C GLY B 85 8.22 16.17 26.11
N ALA B 86 9.30 15.59 25.61
CA ALA B 86 10.34 16.36 24.94
C ALA B 86 9.87 16.84 23.57
N PHE B 87 9.00 16.05 22.93
CA PHE B 87 8.54 16.36 21.58
C PHE B 87 7.04 16.68 21.52
N GLY B 88 6.46 17.05 22.66
CA GLY B 88 5.06 17.43 22.68
C GLY B 88 4.33 17.05 23.94
N GLU B 89 3.20 17.72 24.20
CA GLU B 89 2.45 17.53 25.43
C GLU B 89 1.59 16.26 25.45
N VAL B 90 1.17 15.84 26.63
CA VAL B 90 0.23 14.72 26.79
C VAL B 90 -1.03 15.26 27.44
N GLN B 91 -2.18 15.05 26.79
CA GLN B 91 -3.43 15.63 27.26
C GLN B 91 -4.55 14.61 27.51
N LEU B 92 -5.30 14.81 28.58
CA LEU B 92 -6.47 13.99 28.87
C LEU B 92 -7.56 14.33 27.86
N VAL B 93 -7.99 13.33 27.09
CA VAL B 93 -9.01 13.54 26.06
C VAL B 93 -10.19 12.58 26.19
N ARG B 94 -11.32 12.99 25.62
CA ARG B 94 -12.49 12.13 25.53
C ARG B 94 -12.91 12.00 24.06
N HIS B 95 -13.05 10.76 23.59
CA HIS B 95 -13.48 10.52 22.22
C HIS B 95 -14.92 10.96 22.07
N LYS B 96 -15.17 11.86 21.12
CA LYS B 96 -16.48 12.49 20.96
C LYS B 96 -17.60 11.48 20.71
N SER B 97 -17.29 10.42 19.96
CA SER B 97 -18.30 9.43 19.61
C SER B 97 -18.48 8.35 20.69
N THR B 98 -17.38 7.69 21.07
CA THR B 98 -17.46 6.61 22.06
C THR B 98 -17.53 7.09 23.52
N ARG B 99 -17.24 8.38 23.74
CA ARG B 99 -17.28 8.99 25.06
C ARG B 99 -16.26 8.42 26.04
N LYS B 100 -15.39 7.55 25.54
CA LYS B 100 -14.33 6.95 26.36
C LYS B 100 -13.19 7.92 26.61
N VAL B 101 -12.58 7.82 27.80
CA VAL B 101 -11.52 8.74 28.20
C VAL B 101 -10.14 8.10 28.05
N TYR B 102 -9.20 8.84 27.45
CA TYR B 102 -7.85 8.35 27.23
C TYR B 102 -6.83 9.45 27.55
N ALA B 103 -5.57 9.04 27.67
CA ALA B 103 -4.47 9.99 27.72
C ALA B 103 -3.74 9.97 26.39
N MET B 104 -3.85 11.06 25.63
CA MET B 104 -3.27 11.11 24.30
C MET B 104 -1.92 11.83 24.30
N LYS B 105 -0.92 11.19 23.70
CA LYS B 105 0.42 11.75 23.63
C LYS B 105 0.67 12.34 22.24
N LEU B 106 1.33 13.50 22.19
CA LEU B 106 1.64 14.14 20.92
C LEU B 106 3.15 14.21 20.67
N LEU B 107 3.57 14.01 19.42
CA LEU B 107 4.97 14.05 19.05
C LEU B 107 5.18 14.84 17.75
N SER B 108 5.74 16.04 17.87
CA SER B 108 5.98 16.90 16.72
C SER B 108 6.98 16.29 15.75
N LYS B 109 6.51 16.02 14.53
CA LYS B 109 7.35 15.37 13.52
C LYS B 109 8.57 16.22 13.17
N PHE B 110 8.34 17.51 12.93
CA PHE B 110 9.42 18.42 12.56
C PHE B 110 10.50 18.46 13.64
N GLU B 111 10.08 18.39 14.89
CA GLU B 111 11.00 18.48 16.02
C GLU B 111 11.92 17.26 16.06
N MET B 112 11.35 16.07 15.88
CA MET B 112 12.12 14.83 15.90
C MET B 112 13.14 14.76 14.76
N ILE B 113 12.81 15.39 13.63
CA ILE B 113 13.72 15.46 12.49
C ILE B 113 14.85 16.46 12.78
N LYS B 114 14.48 17.59 13.38
CA LYS B 114 15.43 18.65 13.70
C LYS B 114 16.48 18.18 14.72
N ARG B 115 16.05 17.41 15.72
CA ARG B 115 16.95 16.91 16.75
C ARG B 115 17.67 15.64 16.31
N SER B 116 17.47 15.24 15.05
CA SER B 116 18.04 14.00 14.51
C SER B 116 17.70 12.78 15.37
N ASP B 117 16.41 12.62 15.67
CA ASP B 117 15.94 11.53 16.52
C ASP B 117 14.50 11.18 16.15
N SER B 118 14.33 10.33 15.14
CA SER B 118 13.02 9.88 14.71
C SER B 118 13.01 8.37 14.46
N ALA B 119 13.49 7.62 15.45
CA ALA B 119 13.55 6.17 15.35
C ALA B 119 13.38 5.50 16.72
N PHE B 120 12.88 6.27 17.70
CA PHE B 120 12.66 5.71 19.05
C PHE B 120 11.21 5.31 19.27
N PHE B 121 10.28 5.97 18.60
CA PHE B 121 8.85 5.75 18.83
C PHE B 121 8.38 4.34 18.43
N TRP B 122 9.15 3.68 17.58
CA TRP B 122 8.80 2.32 17.15
C TRP B 122 8.80 1.34 18.31
N GLU B 123 9.83 1.40 19.15
CA GLU B 123 9.99 0.46 20.24
C GLU B 123 8.87 0.63 21.27
N GLU B 124 8.48 1.86 21.54
CA GLU B 124 7.42 2.14 22.50
C GLU B 124 6.04 1.78 21.93
N ARG B 125 5.85 2.04 20.63
CA ARG B 125 4.60 1.72 19.97
C ARG B 125 4.36 0.21 19.95
N ASP B 126 5.44 -0.54 19.76
CA ASP B 126 5.35 -1.99 19.66
C ASP B 126 5.05 -2.63 21.02
N ILE B 127 5.68 -2.11 22.08
CA ILE B 127 5.47 -2.65 23.41
C ILE B 127 4.06 -2.33 23.93
N MET B 128 3.72 -1.05 23.98
CA MET B 128 2.42 -0.64 24.52
C MET B 128 1.23 -1.24 23.78
N ALA B 129 1.45 -1.67 22.54
CA ALA B 129 0.37 -2.21 21.73
C ALA B 129 0.21 -3.74 21.86
N PHE B 130 1.32 -4.45 22.02
CA PHE B 130 1.28 -5.91 22.04
C PHE B 130 1.73 -6.56 23.35
N ALA B 131 2.33 -5.77 24.25
CA ALA B 131 2.83 -6.31 25.52
C ALA B 131 1.75 -7.12 26.25
N ASN B 132 0.53 -6.59 26.24
CA ASN B 132 -0.61 -7.22 26.89
C ASN B 132 -0.27 -7.72 28.29
N SER B 133 0.23 -6.81 29.12
CA SER B 133 0.62 -7.13 30.49
C SER B 133 0.05 -6.07 31.43
N PRO B 134 -0.38 -6.48 32.63
CA PRO B 134 -0.90 -5.54 33.64
C PRO B 134 0.16 -4.54 34.12
N TRP B 135 1.43 -4.84 33.84
CA TRP B 135 2.52 -3.99 34.27
C TRP B 135 2.85 -2.96 33.19
N VAL B 136 2.28 -3.12 32.01
CA VAL B 136 2.55 -2.20 30.90
C VAL B 136 1.31 -1.38 30.54
N VAL B 137 1.51 -0.07 30.40
CA VAL B 137 0.42 0.82 29.98
C VAL B 137 0.01 0.50 28.54
N GLN B 138 -1.29 0.37 28.31
CA GLN B 138 -1.79 -0.15 27.03
C GLN B 138 -2.03 0.96 26.01
N LEU B 139 -1.55 0.74 24.77
CA LEU B 139 -1.82 1.62 23.64
C LEU B 139 -3.06 1.08 22.92
N PHE B 140 -4.08 1.92 22.78
CA PHE B 140 -5.31 1.52 22.10
C PHE B 140 -5.29 1.94 20.64
N TYR B 141 -4.98 3.21 20.39
CA TYR B 141 -4.93 3.71 19.02
C TYR B 141 -3.69 4.56 18.77
N ALA B 142 -3.22 4.56 17.53
CA ALA B 142 -2.11 5.41 17.11
C ALA B 142 -2.37 5.92 15.70
N PHE B 143 -2.45 7.24 15.54
CA PHE B 143 -2.65 7.83 14.22
C PHE B 143 -1.75 9.04 14.01
N GLN B 144 -1.86 9.68 12.85
CA GLN B 144 -0.97 10.78 12.49
C GLN B 144 -1.56 11.73 11.46
N ASP B 145 -0.92 12.89 11.29
CA ASP B 145 -1.16 13.76 10.15
C ASP B 145 0.16 14.32 9.63
N ASP B 146 0.16 15.54 9.11
CA ASP B 146 1.37 16.13 8.54
C ASP B 146 2.27 16.78 9.60
N ARG B 147 1.77 16.88 10.83
CA ARG B 147 2.46 17.63 11.87
C ARG B 147 2.93 16.79 13.08
N TYR B 148 2.01 16.09 13.73
CA TYR B 148 2.35 15.30 14.92
C TYR B 148 2.03 13.80 14.76
N LEU B 149 2.65 12.98 15.60
CA LEU B 149 2.21 11.60 15.80
C LEU B 149 1.33 11.55 17.05
N TYR B 150 0.36 10.64 17.06
CA TYR B 150 -0.58 10.55 18.17
C TYR B 150 -0.59 9.15 18.78
N MET B 151 -0.54 9.09 20.11
CA MET B 151 -0.60 7.82 20.82
C MET B 151 -1.70 7.82 21.89
N VAL B 152 -2.80 7.14 21.58
CA VAL B 152 -3.94 7.06 22.48
C VAL B 152 -3.76 5.89 23.45
N MET B 153 -3.55 6.22 24.74
CA MET B 153 -3.24 5.23 25.76
C MET B 153 -4.29 5.27 26.87
N GLU B 154 -4.24 4.28 27.77
CA GLU B 154 -5.13 4.29 28.93
C GLU B 154 -4.67 5.33 29.96
N TYR B 155 -5.62 6.09 30.48
CA TYR B 155 -5.31 7.13 31.46
C TYR B 155 -5.06 6.53 32.83
N MET B 156 -3.91 6.87 33.42
CA MET B 156 -3.58 6.41 34.76
C MET B 156 -3.89 7.51 35.78
N PRO B 157 -4.98 7.35 36.54
CA PRO B 157 -5.49 8.40 37.43
C PRO B 157 -4.71 8.52 38.74
N GLY B 158 -3.82 7.56 38.99
CA GLY B 158 -3.12 7.54 40.27
C GLY B 158 -1.94 8.50 40.32
N GLY B 159 -1.47 8.95 39.17
CA GLY B 159 -0.32 9.84 39.15
C GLY B 159 1.02 9.09 39.17
N ASP B 160 2.12 9.83 39.05
CA ASP B 160 3.44 9.20 39.05
C ASP B 160 4.01 9.02 40.45
N LEU B 161 5.11 8.28 40.55
CA LEU B 161 5.74 7.98 41.83
C LEU B 161 6.52 9.19 42.37
N VAL B 162 6.86 10.13 41.49
CA VAL B 162 7.52 11.37 41.92
C VAL B 162 6.58 12.17 42.82
N ASN B 163 5.32 12.27 42.41
CA ASN B 163 4.31 13.01 43.17
C ASN B 163 4.05 12.33 44.52
N LEU B 164 4.15 11.00 44.55
CA LEU B 164 3.92 10.25 45.79
C LEU B 164 5.08 10.47 46.76
N MET B 165 6.30 10.41 46.25
CA MET B 165 7.49 10.58 47.08
C MET B 165 7.63 12.00 47.61
N SER B 166 7.03 12.95 46.91
CA SER B 166 7.11 14.36 47.32
C SER B 166 6.09 14.71 48.40
N ASN B 167 5.01 13.93 48.46
CA ASN B 167 3.95 14.20 49.42
C ASN B 167 3.96 13.24 50.61
N TYR B 168 4.89 12.29 50.61
CA TYR B 168 5.00 11.32 51.69
C TYR B 168 6.46 11.07 52.07
N ASP B 169 6.69 10.71 53.33
CA ASP B 169 7.97 10.14 53.74
C ASP B 169 7.83 8.62 53.70
N VAL B 170 8.14 8.04 52.55
CA VAL B 170 7.83 6.64 52.26
C VAL B 170 8.45 5.68 53.27
N PRO B 171 7.61 4.92 53.98
CA PRO B 171 8.08 3.87 54.91
C PRO B 171 8.55 2.63 54.14
N GLU B 172 9.31 1.77 54.81
CA GLU B 172 9.86 0.58 54.16
C GLU B 172 8.79 -0.35 53.59
N LYS B 173 7.70 -0.52 54.32
CA LYS B 173 6.62 -1.41 53.89
C LYS B 173 6.11 -1.02 52.50
N TRP B 174 6.01 0.29 52.29
CA TRP B 174 5.59 0.83 51.00
C TRP B 174 6.69 0.63 49.96
N ALA B 175 7.91 0.98 50.35
CA ALA B 175 9.06 0.87 49.47
C ALA B 175 9.22 -0.56 48.98
N ARG B 176 8.94 -1.51 49.89
CA ARG B 176 9.03 -2.92 49.56
C ARG B 176 8.00 -3.29 48.49
N PHE B 177 6.80 -2.73 48.62
CA PHE B 177 5.72 -2.98 47.66
C PHE B 177 6.05 -2.44 46.28
N TYR B 178 6.45 -1.17 46.21
CA TYR B 178 6.68 -0.53 44.92
C TYR B 178 7.94 -1.06 44.22
N THR B 179 8.95 -1.42 44.99
CA THR B 179 10.16 -2.00 44.41
C THR B 179 9.85 -3.38 43.80
N ALA B 180 9.05 -4.17 44.51
CA ALA B 180 8.67 -5.49 44.04
C ALA B 180 7.79 -5.44 42.79
N GLU B 181 6.94 -4.44 42.69
CA GLU B 181 6.09 -4.27 41.51
C GLU B 181 6.90 -3.81 40.30
N VAL B 182 7.96 -3.04 40.56
CA VAL B 182 8.88 -2.62 39.50
C VAL B 182 9.69 -3.81 39.00
N VAL B 183 10.15 -4.65 39.93
CA VAL B 183 10.91 -5.84 39.58
C VAL B 183 10.10 -6.77 38.66
N LEU B 184 8.83 -6.96 38.97
CA LEU B 184 7.96 -7.77 38.13
C LEU B 184 7.63 -7.06 36.80
N ALA B 185 7.55 -5.74 36.84
CA ALA B 185 7.26 -4.97 35.64
C ALA B 185 8.44 -5.02 34.65
N LEU B 186 9.66 -4.94 35.18
CA LEU B 186 10.84 -5.00 34.34
C LEU B 186 11.10 -6.43 33.82
N ASP B 187 10.76 -7.42 34.64
CA ASP B 187 10.94 -8.81 34.24
C ASP B 187 10.01 -9.17 33.09
N ALA B 188 8.84 -8.54 33.05
CA ALA B 188 7.91 -8.74 31.96
C ALA B 188 8.42 -8.05 30.68
N ILE B 189 9.08 -6.91 30.84
CA ILE B 189 9.66 -6.20 29.71
C ILE B 189 10.90 -6.94 29.20
N HIS B 190 11.62 -7.61 30.09
CA HIS B 190 12.77 -8.41 29.70
C HIS B 190 12.35 -9.67 28.92
N SER B 191 11.22 -10.26 29.33
CA SER B 191 10.72 -11.47 28.70
C SER B 191 10.30 -11.22 27.25
N MET B 192 9.92 -9.97 26.96
CA MET B 192 9.59 -9.58 25.59
C MET B 192 10.85 -9.41 24.76
N GLY B 193 11.99 -9.39 25.42
CA GLY B 193 13.26 -9.24 24.71
C GLY B 193 13.76 -7.81 24.68
N PHE B 194 13.60 -7.10 25.78
CA PHE B 194 13.97 -5.69 25.83
C PHE B 194 14.76 -5.34 27.10
N ILE B 195 15.75 -4.46 26.94
CA ILE B 195 16.38 -3.77 28.06
C ILE B 195 15.81 -2.35 28.11
N HIS B 196 15.29 -1.93 29.26
CA HIS B 196 14.56 -0.67 29.35
C HIS B 196 15.48 0.55 29.26
N ARG B 197 16.60 0.51 29.99
CA ARG B 197 17.61 1.56 29.93
C ARG B 197 17.19 2.91 30.55
N ASP B 198 15.93 3.02 30.97
CA ASP B 198 15.44 4.27 31.54
C ASP B 198 14.43 4.04 32.67
N VAL B 199 14.88 3.40 33.75
CA VAL B 199 14.02 3.13 34.89
C VAL B 199 14.10 4.28 35.89
N LYS B 200 12.97 4.95 36.12
CA LYS B 200 12.87 6.07 37.06
C LYS B 200 11.41 6.33 37.44
N PRO B 201 11.18 7.04 38.56
CA PRO B 201 9.84 7.32 39.08
C PRO B 201 8.97 8.12 38.12
N ASP B 202 9.61 8.89 37.24
CA ASP B 202 8.87 9.69 36.26
C ASP B 202 8.10 8.79 35.29
N ASN B 203 8.62 7.60 35.04
CA ASN B 203 8.02 6.68 34.09
C ASN B 203 7.14 5.63 34.76
N MET B 204 6.95 5.76 36.07
CA MET B 204 6.08 4.85 36.81
C MET B 204 4.76 5.52 37.17
N LEU B 205 3.64 4.93 36.76
CA LEU B 205 2.32 5.49 37.06
C LEU B 205 1.43 4.49 37.79
N LEU B 206 0.53 4.99 38.62
CA LEU B 206 -0.39 4.14 39.36
C LEU B 206 -1.77 4.13 38.68
N ASP B 207 -2.44 2.97 38.73
CA ASP B 207 -3.80 2.86 38.21
C ASP B 207 -4.84 3.29 39.24
N LYS B 208 -6.12 3.09 38.94
CA LYS B 208 -7.17 3.55 39.83
C LYS B 208 -7.21 2.73 41.11
N SER B 209 -6.45 1.64 41.14
CA SER B 209 -6.35 0.81 42.35
C SER B 209 -5.09 1.14 43.15
N GLY B 210 -4.16 1.83 42.52
CA GLY B 210 -2.94 2.21 43.21
C GLY B 210 -1.76 1.31 42.89
N HIS B 211 -1.92 0.47 41.88
CA HIS B 211 -0.85 -0.45 41.48
C HIS B 211 -0.02 0.12 40.34
N LEU B 212 1.26 -0.27 40.28
CA LEU B 212 2.24 0.38 39.41
C LEU B 212 2.22 -0.17 37.99
N LYS B 213 2.41 0.73 37.02
CA LYS B 213 2.61 0.35 35.63
C LYS B 213 3.76 1.17 35.05
N LEU B 214 4.59 0.55 34.22
CA LEU B 214 5.62 1.30 33.51
C LEU B 214 5.02 1.97 32.29
N ALA B 215 5.07 3.30 32.28
CA ALA B 215 4.67 4.08 31.12
C ALA B 215 5.92 4.65 30.43
N ASP B 216 5.81 4.95 29.14
CA ASP B 216 6.92 5.51 28.37
C ASP B 216 8.10 4.54 28.21
N PHE B 217 8.37 4.13 26.98
CA PHE B 217 9.42 3.17 26.68
C PHE B 217 10.31 3.68 25.54
N GLY B 218 10.59 4.98 25.54
CA GLY B 218 11.26 5.60 24.40
C GLY B 218 12.74 5.27 24.23
N THR B 219 13.26 4.38 25.05
CA THR B 219 14.67 4.00 24.96
C THR B 219 14.91 2.50 25.08
N CYS B 220 13.90 1.70 24.75
CA CYS B 220 14.05 0.25 24.79
C CYS B 220 14.72 -0.30 23.53
N MET B 221 15.46 -1.39 23.67
CA MET B 221 16.13 -2.03 22.54
C MET B 221 15.99 -3.55 22.55
N LYS B 222 16.13 -4.17 21.38
CA LYS B 222 16.05 -5.61 21.26
C LYS B 222 17.40 -6.25 21.58
N MET B 223 17.40 -7.27 22.44
CA MET B 223 18.62 -7.96 22.83
C MET B 223 19.06 -8.95 21.76
N ASN B 224 20.37 -9.07 21.54
CA ASN B 224 20.87 -9.98 20.51
C ASN B 224 20.91 -11.43 20.97
N LYS B 225 21.81 -12.23 20.39
CA LYS B 225 21.86 -13.66 20.67
C LYS B 225 22.24 -13.96 22.12
N GLU B 226 23.18 -13.20 22.67
CA GLU B 226 23.62 -13.41 24.05
C GLU B 226 22.77 -12.62 25.05
N GLY B 227 21.69 -12.03 24.56
CA GLY B 227 20.81 -11.29 25.44
C GLY B 227 21.37 -9.94 25.86
N MET B 228 22.21 -9.36 25.00
CA MET B 228 22.84 -8.07 25.29
C MET B 228 22.62 -7.08 24.16
N VAL B 229 23.03 -5.84 24.36
CA VAL B 229 22.89 -4.83 23.31
C VAL B 229 24.10 -3.87 23.28
N ARG B 230 24.53 -3.53 22.07
CA ARG B 230 25.63 -2.58 21.86
C ARG B 230 25.01 -1.28 21.38
N CYS B 231 25.33 -0.18 22.07
CA CYS B 231 24.71 1.10 21.77
C CYS B 231 25.63 2.29 22.03
N ASP B 232 25.23 3.46 21.51
CA ASP B 232 25.98 4.70 21.71
C ASP B 232 25.03 5.91 21.71
N THR B 233 24.83 6.50 22.88
CA THR B 233 23.95 7.66 23.02
C THR B 233 24.47 8.66 24.07
N ALA B 234 23.72 9.75 24.25
CA ALA B 234 24.05 10.75 25.27
C ALA B 234 23.49 10.35 26.63
N VAL B 235 23.42 11.29 27.56
CA VAL B 235 22.87 11.02 28.88
C VAL B 235 21.79 12.00 29.33
N GLY B 236 20.56 11.49 29.44
CA GLY B 236 19.47 12.29 29.98
C GLY B 236 19.10 11.84 31.39
N THR B 237 19.19 12.78 32.32
CA THR B 237 19.06 12.51 33.76
C THR B 237 19.94 11.35 34.24
N PRO B 238 21.23 11.62 34.47
CA PRO B 238 22.24 10.62 34.83
C PRO B 238 22.12 10.13 36.27
N ASP B 239 21.03 10.51 36.94
CA ASP B 239 20.82 10.11 38.33
C ASP B 239 20.55 8.61 38.44
N TYR B 240 19.86 8.06 37.45
CA TYR B 240 19.48 6.66 37.47
C TYR B 240 20.28 5.80 36.48
N ILE B 241 21.08 6.45 35.63
CA ILE B 241 21.86 5.75 34.62
C ILE B 241 23.03 4.99 35.24
N SER B 242 23.27 3.77 34.73
CA SER B 242 24.27 2.85 35.30
C SER B 242 25.66 3.14 34.79
N PRO B 243 26.69 2.55 35.45
CA PRO B 243 28.10 2.75 35.06
C PRO B 243 28.43 2.25 33.65
N GLU B 244 27.86 1.11 33.29
CA GLU B 244 28.17 0.48 32.01
C GLU B 244 27.67 1.30 30.83
N VAL B 245 26.44 1.81 30.95
CA VAL B 245 25.85 2.66 29.91
C VAL B 245 26.61 3.99 29.80
N LEU B 246 27.14 4.45 30.92
CA LEU B 246 27.96 5.67 30.93
C LEU B 246 29.35 5.42 30.35
N LYS B 247 29.86 4.20 30.46
CA LYS B 247 31.13 3.84 29.86
C LYS B 247 30.95 3.51 28.37
N SER B 248 29.69 3.49 27.93
CA SER B 248 29.36 3.19 26.54
C SER B 248 29.22 4.47 25.71
N GLN B 249 30.05 5.47 26.01
CA GLN B 249 30.06 6.70 25.22
C GLN B 249 30.88 6.52 23.94
N GLY B 250 30.20 6.10 22.87
CA GLY B 250 30.86 5.90 21.59
C GLY B 250 30.34 4.72 20.79
N GLY B 251 29.96 3.65 21.49
CA GLY B 251 29.52 2.45 20.81
C GLY B 251 30.50 1.30 20.95
N ASP B 252 31.47 1.48 21.83
CA ASP B 252 32.50 0.48 22.08
C ASP B 252 32.06 -0.48 23.19
N GLY B 253 30.93 -0.18 23.81
CA GLY B 253 30.46 -0.98 24.92
C GLY B 253 29.33 -1.94 24.61
N TYR B 254 29.37 -3.11 25.25
CA TYR B 254 28.32 -4.11 25.15
C TYR B 254 27.80 -4.40 26.56
N TYR B 255 26.58 -3.96 26.87
CA TYR B 255 26.01 -4.20 28.20
C TYR B 255 24.77 -5.07 28.18
N GLY B 256 24.52 -5.76 29.30
CA GLY B 256 23.35 -6.62 29.42
C GLY B 256 22.16 -5.91 30.04
N ARG B 257 21.27 -6.66 30.68
CA ARG B 257 20.07 -6.09 31.26
C ARG B 257 20.27 -5.73 32.74
N GLU B 258 21.42 -6.14 33.28
CA GLU B 258 21.73 -5.87 34.67
C GLU B 258 21.81 -4.37 34.97
N CYS B 259 21.87 -3.56 33.91
CA CYS B 259 21.85 -2.11 34.06
C CYS B 259 20.50 -1.60 34.53
N ASP B 260 19.43 -2.32 34.20
CA ASP B 260 18.10 -1.96 34.66
C ASP B 260 17.96 -2.15 36.17
N TRP B 261 18.63 -3.16 36.72
CA TRP B 261 18.54 -3.44 38.15
C TRP B 261 19.32 -2.41 38.97
N TRP B 262 20.39 -1.88 38.39
CA TRP B 262 21.13 -0.79 39.02
C TRP B 262 20.19 0.39 39.28
N SER B 263 19.34 0.69 38.30
CA SER B 263 18.40 1.80 38.41
C SER B 263 17.34 1.52 39.49
N VAL B 264 16.99 0.25 39.67
CA VAL B 264 16.04 -0.13 40.71
C VAL B 264 16.67 0.11 42.07
N GLY B 265 17.98 -0.08 42.15
CA GLY B 265 18.68 0.21 43.38
C GLY B 265 18.73 1.70 43.70
N VAL B 266 18.83 2.51 42.65
CA VAL B 266 18.76 3.96 42.82
C VAL B 266 17.34 4.35 43.21
N PHE B 267 16.36 3.62 42.66
CA PHE B 267 14.94 3.89 42.97
C PHE B 267 14.60 3.60 44.43
N LEU B 268 15.14 2.50 44.97
CA LEU B 268 14.87 2.12 46.35
C LEU B 268 15.56 3.11 47.29
N TYR B 269 16.78 3.51 46.92
CA TYR B 269 17.55 4.45 47.75
C TYR B 269 16.82 5.78 47.90
N GLU B 270 16.24 6.28 46.81
CA GLU B 270 15.56 7.56 46.85
C GLU B 270 14.29 7.50 47.72
N MET B 271 13.55 6.41 47.64
CA MET B 271 12.32 6.28 48.38
C MET B 271 12.54 6.31 49.90
N LEU B 272 13.71 5.88 50.35
CA LEU B 272 14.00 5.82 51.78
C LEU B 272 14.79 7.04 52.26
N VAL B 273 15.95 7.29 51.66
CA VAL B 273 16.82 8.38 52.08
C VAL B 273 16.19 9.74 51.81
N GLY B 274 15.62 9.90 50.62
CA GLY B 274 14.96 11.14 50.26
C GLY B 274 15.57 11.83 49.05
N ASP B 275 16.80 11.46 48.72
CA ASP B 275 17.51 12.04 47.58
C ASP B 275 18.21 10.96 46.74
N THR B 276 18.63 11.33 45.53
CA THR B 276 19.40 10.43 44.69
C THR B 276 20.80 10.21 45.25
N PRO B 277 21.30 8.97 45.22
CA PRO B 277 22.56 8.58 45.85
C PRO B 277 23.81 9.26 45.27
N PHE B 278 23.72 9.71 44.02
CA PHE B 278 24.87 10.29 43.36
C PHE B 278 24.58 11.70 42.83
N TYR B 279 23.69 12.42 43.52
CA TYR B 279 23.30 13.77 43.12
C TYR B 279 24.44 14.77 43.16
N ALA B 280 24.45 15.70 42.22
CA ALA B 280 25.37 16.82 42.22
C ALA B 280 24.74 18.01 41.50
N ASP B 281 25.33 19.19 41.66
CA ASP B 281 24.79 20.42 41.08
C ASP B 281 24.87 20.39 39.55
N SER B 282 26.06 20.13 39.01
CA SER B 282 26.24 20.04 37.56
C SER B 282 26.06 18.62 37.05
N LEU B 283 25.78 18.49 35.75
CA LEU B 283 25.55 17.19 35.13
C LEU B 283 26.83 16.34 35.11
N VAL B 284 27.99 16.99 34.92
CA VAL B 284 29.26 16.29 34.92
C VAL B 284 29.67 15.82 36.32
N GLY B 285 29.14 16.50 37.34
CA GLY B 285 29.41 16.09 38.70
C GLY B 285 28.61 14.87 39.11
N THR B 286 27.39 14.76 38.59
CA THR B 286 26.55 13.59 38.85
C THR B 286 27.24 12.37 38.22
N TYR B 287 27.75 12.54 37.01
CA TYR B 287 28.46 11.48 36.30
C TYR B 287 29.70 11.02 37.06
N SER B 288 30.47 11.97 37.58
CA SER B 288 31.71 11.66 38.29
C SER B 288 31.45 10.86 39.57
N LYS B 289 30.31 11.11 40.19
CA LYS B 289 29.94 10.39 41.40
C LYS B 289 29.42 8.98 41.09
N ILE B 290 28.86 8.80 39.90
CA ILE B 290 28.39 7.47 39.47
C ILE B 290 29.59 6.55 39.20
N MET B 291 30.60 7.06 38.51
CA MET B 291 31.78 6.29 38.18
C MET B 291 32.54 5.92 39.45
N ASN B 292 32.62 6.86 40.38
CA ASN B 292 33.27 6.64 41.66
C ASN B 292 32.23 6.23 42.71
N HIS B 293 31.40 5.25 42.36
CA HIS B 293 30.30 4.82 43.22
C HIS B 293 30.79 4.02 44.41
N LYS B 294 31.96 3.40 44.28
CA LYS B 294 32.55 2.61 45.35
C LYS B 294 32.86 3.49 46.56
N ASN B 295 33.03 4.79 46.31
CA ASN B 295 33.39 5.72 47.37
C ASN B 295 32.31 6.77 47.66
N SER B 296 31.48 7.08 46.67
CA SER B 296 30.47 8.11 46.85
C SER B 296 29.17 7.63 47.49
N LEU B 297 28.89 6.34 47.39
CA LEU B 297 27.65 5.78 47.96
C LEU B 297 27.77 5.67 49.48
N THR B 298 27.00 6.51 50.18
CA THR B 298 26.98 6.53 51.64
C THR B 298 25.56 6.54 52.19
N PHE B 299 25.44 6.38 53.51
CA PHE B 299 24.14 6.42 54.17
C PHE B 299 24.20 7.37 55.38
N PRO B 300 23.11 8.10 55.65
CA PRO B 300 23.04 9.09 56.74
C PRO B 300 23.21 8.49 58.14
N ASP B 301 23.59 9.33 59.10
CA ASP B 301 23.81 8.89 60.46
C ASP B 301 22.50 8.72 61.24
N ASP B 302 21.53 8.07 60.59
CA ASP B 302 20.29 7.68 61.25
C ASP B 302 19.90 6.27 60.79
N ASN B 303 19.85 5.33 61.74
CA ASN B 303 19.56 3.94 61.41
C ASN B 303 18.07 3.68 61.15
N ASP B 304 17.44 4.61 60.44
CA ASP B 304 16.05 4.44 60.02
C ASP B 304 15.92 3.33 58.97
N ILE B 305 16.91 3.27 58.08
CA ILE B 305 16.95 2.23 57.05
C ILE B 305 17.43 0.92 57.68
N SER B 306 16.67 -0.15 57.48
CA SER B 306 17.00 -1.45 58.08
C SER B 306 18.20 -2.09 57.39
N LYS B 307 18.67 -3.20 57.95
CA LYS B 307 19.83 -3.90 57.41
C LYS B 307 19.56 -4.40 56.01
N GLU B 308 18.38 -5.02 55.83
CA GLU B 308 18.02 -5.62 54.55
C GLU B 308 17.93 -4.61 53.41
N ALA B 309 17.38 -3.43 53.70
CA ALA B 309 17.27 -2.38 52.70
C ALA B 309 18.66 -1.87 52.30
N LYS B 310 19.54 -1.74 53.27
CA LYS B 310 20.93 -1.35 52.99
C LYS B 310 21.63 -2.38 52.13
N ASN B 311 21.39 -3.67 52.42
CA ASN B 311 22.03 -4.76 51.68
C ASN B 311 21.59 -4.77 50.21
N LEU B 312 20.29 -4.59 49.96
CA LEU B 312 19.75 -4.66 48.60
C LEU B 312 20.22 -3.46 47.78
N ILE B 313 20.23 -2.29 48.39
CA ILE B 313 20.71 -1.08 47.71
C ILE B 313 22.17 -1.25 47.31
N CYS B 314 22.95 -1.90 48.17
CA CYS B 314 24.35 -2.16 47.87
C CYS B 314 24.55 -3.30 46.86
N ALA B 315 23.63 -4.26 46.90
CA ALA B 315 23.67 -5.39 45.96
C ALA B 315 23.36 -4.93 44.55
N PHE B 316 22.59 -3.85 44.42
CA PHE B 316 22.27 -3.27 43.12
C PHE B 316 23.28 -2.20 42.70
N LEU B 317 23.84 -1.48 43.66
CA LEU B 317 24.76 -0.39 43.33
C LEU B 317 26.23 -0.84 43.43
N THR B 318 26.59 -1.81 42.59
CA THR B 318 27.97 -2.30 42.48
C THR B 318 28.28 -2.71 41.04
N ASP B 319 29.52 -3.09 40.78
CA ASP B 319 29.97 -3.43 39.44
C ASP B 319 29.13 -4.54 38.79
N ARG B 320 28.91 -4.41 37.48
CA ARG B 320 28.03 -5.31 36.73
C ARG B 320 28.26 -6.78 36.99
N GLU B 321 29.53 -7.18 37.07
CA GLU B 321 29.88 -8.58 37.19
C GLU B 321 29.54 -9.20 38.54
N VAL B 322 29.35 -8.35 39.55
CA VAL B 322 28.96 -8.83 40.88
C VAL B 322 27.52 -8.44 41.20
N ARG B 323 27.02 -7.42 40.50
CA ARG B 323 25.67 -6.89 40.75
C ARG B 323 24.57 -7.95 40.77
N LEU B 324 23.69 -7.86 41.77
CA LEU B 324 22.58 -8.80 41.92
C LEU B 324 21.63 -8.69 40.72
N GLY B 325 21.21 -9.85 40.20
CA GLY B 325 20.34 -9.85 39.04
C GLY B 325 21.01 -10.43 37.80
N ARG B 326 22.32 -10.63 37.90
CA ARG B 326 23.10 -11.17 36.79
C ARG B 326 22.73 -12.64 36.53
N ASN B 327 22.45 -13.37 37.60
CA ASN B 327 22.10 -14.79 37.50
C ASN B 327 20.59 -14.99 37.46
N GLY B 328 19.90 -14.10 36.77
CA GLY B 328 18.45 -14.20 36.66
C GLY B 328 17.71 -13.32 37.65
N VAL B 329 16.38 -13.22 37.50
CA VAL B 329 15.57 -12.38 38.36
C VAL B 329 15.16 -13.08 39.66
N GLU B 330 15.35 -14.41 39.70
CA GLU B 330 14.93 -15.18 40.85
C GLU B 330 15.77 -14.96 42.11
N GLU B 331 17.03 -14.56 41.93
CA GLU B 331 17.89 -14.29 43.08
C GLU B 331 17.58 -12.92 43.71
N ILE B 332 16.91 -12.05 42.96
CA ILE B 332 16.46 -10.76 43.50
C ILE B 332 15.21 -10.99 44.36
N LYS B 333 14.30 -11.83 43.87
CA LYS B 333 13.07 -12.11 44.60
C LYS B 333 13.33 -12.84 45.92
N ARG B 334 14.40 -13.64 45.96
CA ARG B 334 14.74 -14.40 47.15
C ARG B 334 15.37 -13.55 48.25
N HIS B 335 15.69 -12.30 47.95
CA HIS B 335 16.34 -11.41 48.92
C HIS B 335 15.46 -11.18 50.15
N LEU B 336 16.10 -11.00 51.31
CA LEU B 336 15.40 -10.92 52.58
C LEU B 336 14.64 -9.60 52.76
N PHE B 337 14.99 -8.57 52.00
CA PHE B 337 14.29 -7.29 52.07
C PHE B 337 12.81 -7.47 51.72
N PHE B 338 12.55 -8.34 50.75
CA PHE B 338 11.18 -8.57 50.29
C PHE B 338 10.42 -9.52 51.22
N LYS B 339 11.15 -10.25 52.06
CA LYS B 339 10.53 -11.22 52.96
C LYS B 339 9.53 -10.53 53.89
N ASN B 340 8.25 -10.59 53.53
CA ASN B 340 7.19 -9.91 54.28
C ASN B 340 6.08 -10.88 54.68
N ASP B 341 5.02 -10.34 55.26
CA ASP B 341 3.88 -11.15 55.67
C ASP B 341 2.59 -10.45 55.25
N GLN B 342 2.64 -9.78 54.10
CA GLN B 342 1.49 -9.07 53.55
C GLN B 342 1.06 -9.66 52.21
N TRP B 343 2.04 -10.14 51.43
CA TRP B 343 1.77 -10.66 50.08
C TRP B 343 2.80 -11.69 49.60
N ALA B 344 2.48 -12.33 48.48
CA ALA B 344 3.44 -13.19 47.76
C ALA B 344 3.57 -12.69 46.33
N TRP B 345 4.72 -12.96 45.71
CA TRP B 345 5.02 -12.44 44.38
C TRP B 345 3.95 -12.76 43.34
N GLU B 346 3.55 -14.03 43.29
CA GLU B 346 2.63 -14.50 42.27
C GLU B 346 1.21 -13.95 42.44
N THR B 347 0.96 -13.29 43.56
CA THR B 347 -0.36 -12.71 43.82
C THR B 347 -0.29 -11.22 44.25
N LEU B 348 0.87 -10.59 44.03
CA LEU B 348 1.11 -9.23 44.51
C LEU B 348 0.15 -8.19 43.94
N ARG B 349 -0.09 -8.22 42.64
CA ARG B 349 -0.93 -7.19 42.02
C ARG B 349 -2.41 -7.45 42.24
N ASP B 350 -2.71 -8.44 43.08
CA ASP B 350 -4.09 -8.71 43.48
C ASP B 350 -4.37 -8.27 44.92
N THR B 351 -3.30 -7.97 45.66
CA THR B 351 -3.43 -7.46 47.02
C THR B 351 -3.76 -5.96 47.02
N VAL B 352 -4.11 -5.43 48.20
CA VAL B 352 -4.49 -4.02 48.30
C VAL B 352 -3.23 -3.13 48.35
N ALA B 353 -3.24 -2.08 47.54
CA ALA B 353 -2.10 -1.17 47.41
C ALA B 353 -1.94 -0.31 48.66
N PRO B 354 -0.71 0.16 48.94
CA PRO B 354 -0.45 1.03 50.10
C PRO B 354 -1.17 2.39 50.02
N VAL B 355 -1.29 2.93 48.80
CA VAL B 355 -2.03 4.16 48.60
C VAL B 355 -3.07 3.96 47.50
N VAL B 356 -4.34 3.84 47.90
CA VAL B 356 -5.43 3.74 46.94
C VAL B 356 -6.00 5.13 46.68
N PRO B 357 -6.01 5.55 45.41
CA PRO B 357 -6.47 6.89 45.03
C PRO B 357 -7.98 7.04 45.18
N ASP B 358 -8.42 8.22 45.64
CA ASP B 358 -9.83 8.51 45.79
C ASP B 358 -10.27 9.44 44.65
N LEU B 359 -11.07 8.91 43.71
CA LEU B 359 -11.42 9.64 42.51
C LEU B 359 -12.87 10.13 42.53
N SER B 360 -13.11 11.27 41.89
CA SER B 360 -14.42 11.90 41.88
C SER B 360 -15.20 11.62 40.59
N SER B 361 -14.47 11.44 39.50
CA SER B 361 -15.09 11.16 38.20
C SER B 361 -14.12 10.43 37.26
N ASP B 362 -14.56 10.16 36.03
CA ASP B 362 -13.70 9.50 35.05
C ASP B 362 -12.61 10.44 34.54
N ILE B 363 -12.73 11.72 34.85
CA ILE B 363 -11.74 12.71 34.45
C ILE B 363 -11.08 13.44 35.62
N ASP B 364 -11.07 12.82 36.80
CA ASP B 364 -10.44 13.41 37.98
C ASP B 364 -8.92 13.47 37.81
N THR B 365 -8.40 14.68 37.63
CA THR B 365 -6.97 14.88 37.41
C THR B 365 -6.31 15.60 38.58
N SER B 366 -6.70 15.21 39.80
CA SER B 366 -6.16 15.83 41.01
C SER B 366 -4.72 15.41 41.28
N ASN B 367 -4.38 14.18 40.93
CA ASN B 367 -3.03 13.65 41.16
C ASN B 367 -2.03 14.17 40.14
N PHE B 368 -2.48 15.07 39.26
CA PHE B 368 -1.58 15.67 38.28
C PHE B 368 -1.52 17.19 38.43
N ASP B 369 -0.31 17.72 38.62
CA ASP B 369 -0.10 19.16 38.77
C ASP B 369 -0.41 19.89 37.46
N ASP B 370 -0.91 21.11 37.56
CA ASP B 370 -1.19 21.93 36.37
C ASP B 370 0.11 22.24 35.63
N LEU B 371 0.05 22.24 34.31
CA LEU B 371 1.24 22.51 33.50
C LEU B 371 1.21 23.85 32.79
N GLU B 372 2.23 24.66 33.05
CA GLU B 372 2.42 26.00 32.49
C GLU B 372 1.57 26.37 31.29
N GLU B 373 2.23 26.43 30.14
CA GLU B 373 1.63 26.77 28.85
C GLU B 373 2.78 26.84 27.86
N ASP B 374 2.88 25.83 26.99
CA ASP B 374 4.02 25.72 26.08
C ASP B 374 4.24 27.03 25.34
N LYS B 375 3.17 27.56 24.74
CA LYS B 375 3.16 28.86 24.09
C LYS B 375 4.12 28.98 22.89
N GLY B 376 5.25 28.30 22.98
CA GLY B 376 6.21 28.35 21.89
C GLY B 376 5.66 27.83 20.58
N GLU B 377 5.48 28.72 19.62
CA GLU B 377 4.91 28.36 18.33
C GLU B 377 5.76 27.31 17.63
N GLU B 378 5.13 26.22 17.23
CA GLU B 378 5.82 25.14 16.54
C GLU B 378 6.27 25.60 15.17
N GLU B 379 7.54 25.37 14.85
CA GLU B 379 8.09 25.76 13.55
C GLU B 379 7.67 24.76 12.47
N THR B 380 7.55 25.25 11.24
CA THR B 380 7.08 24.41 10.13
C THR B 380 8.18 24.13 9.12
N PHE B 381 7.95 23.16 8.24
CA PHE B 381 8.92 22.80 7.21
C PHE B 381 8.94 23.82 6.07
N PRO B 382 10.13 24.22 5.63
CA PRO B 382 10.29 25.09 4.45
C PRO B 382 9.94 24.35 3.16
N ILE B 383 9.42 25.10 2.17
CA ILE B 383 9.04 24.50 0.90
C ILE B 383 10.24 23.94 0.16
N PRO B 384 10.21 22.64 -0.15
CA PRO B 384 11.30 21.90 -0.81
C PRO B 384 11.50 22.30 -2.26
N LYS B 385 12.67 22.00 -2.80
CA LYS B 385 12.96 22.24 -4.20
C LYS B 385 13.25 20.91 -4.90
N ALA B 386 13.53 19.89 -4.10
CA ALA B 386 13.70 18.51 -4.59
C ALA B 386 12.92 17.56 -3.67
N PHE B 387 13.35 16.31 -3.60
CA PHE B 387 12.69 15.36 -2.70
C PHE B 387 13.36 15.35 -1.33
N VAL B 388 12.65 15.85 -0.32
CA VAL B 388 13.17 15.87 1.05
C VAL B 388 12.87 14.57 1.80
N GLY B 389 11.62 14.11 1.73
CA GLY B 389 11.29 12.83 2.34
C GLY B 389 10.85 12.91 3.79
N ASN B 390 10.38 14.07 4.21
CA ASN B 390 10.03 14.30 5.61
C ASN B 390 8.68 13.69 5.99
N GLN B 391 8.54 12.39 5.72
CA GLN B 391 7.33 11.66 6.08
C GLN B 391 7.66 10.16 6.07
N LEU B 392 8.73 9.81 5.36
CA LEU B 392 9.16 8.41 5.25
C LEU B 392 9.52 7.77 6.60
N PRO B 393 10.12 8.54 7.52
CA PRO B 393 10.38 7.97 8.86
C PRO B 393 9.12 7.82 9.72
N PHE B 394 7.98 8.25 9.20
CA PHE B 394 6.73 8.19 9.96
C PHE B 394 5.65 7.36 9.24
N VAL B 395 6.07 6.49 8.33
CA VAL B 395 5.14 5.59 7.64
C VAL B 395 5.08 4.23 8.31
N GLY B 396 3.88 3.82 8.70
CA GLY B 396 3.72 2.55 9.39
C GLY B 396 3.45 2.72 10.88
N PHE B 397 3.17 3.96 11.29
CA PHE B 397 2.94 4.26 12.70
C PHE B 397 1.46 4.07 13.04
N THR B 398 0.61 4.24 12.04
CA THR B 398 -0.83 4.18 12.27
C THR B 398 -1.27 2.76 12.66
N TYR B 399 -2.17 2.66 13.64
CA TYR B 399 -2.55 1.39 14.25
C TYR B 399 -3.95 1.48 14.84
N TYR B 400 -4.79 0.48 14.55
CA TYR B 400 -6.13 0.41 15.12
C TYR B 400 -6.33 -0.86 15.96
N SER B 401 -7.30 -0.83 16.86
CA SER B 401 -7.63 -1.98 17.70
C SER B 401 -9.05 -2.47 17.45
N ASN B 402 -9.36 -3.67 17.93
CA ASN B 402 -10.67 -4.27 17.73
C ASN B 402 -11.44 -4.44 19.05
O1 H52 C . -3.35 -11.64 -31.29
S5 H52 C . -2.71 -11.02 -30.16
O2 H52 C . -1.35 -11.29 -29.78
N21 H52 C . -2.84 -9.38 -30.45
C22 H52 C . -3.83 -8.90 -31.42
C2M H52 C . -5.28 -9.06 -30.94
C23 H52 C . -3.68 -7.47 -32.01
N24 H52 C . -2.31 -7.28 -32.54
C25 H52 C . -1.40 -6.75 -31.56
C26 H52 C . -0.91 -7.96 -30.76
C27 H52 C . -1.88 -8.42 -29.75
C5 H52 C . -3.75 -11.46 -28.76
C10 H52 C . -4.03 -12.86 -28.40
C4 H52 C . -3.51 -14.08 -29.11
CM H52 C . -2.57 -14.07 -30.32
C9 H52 C . -4.93 -13.10 -27.24
C8 H52 C . -5.49 -11.98 -26.50
C7 H52 C . -5.18 -10.68 -26.88
C6 H52 C . -4.32 -10.42 -27.99
C1 H52 C . -5.23 -14.45 -26.87
N2 H52 C . -4.72 -15.47 -27.58
C3 H52 C . -3.88 -15.31 -28.64
O1 H52 D . 2.96 10.97 32.70
S5 H52 D . 2.91 11.08 31.27
O2 H52 D . 2.42 12.25 30.58
N21 H52 D . 4.50 10.86 30.77
C22 H52 D . 5.46 10.15 31.63
C2M H52 D . 5.17 8.65 31.74
C23 H52 D . 6.98 10.32 31.36
N24 H52 D . 7.34 11.76 31.31
C25 H52 D . 7.22 12.33 29.98
C26 H52 D . 5.74 12.65 29.76
C27 H52 D . 4.93 11.46 29.44
C5 H52 D . 1.90 9.72 30.71
C10 H52 D . 0.53 9.47 31.22
C4 H52 D . -0.22 10.34 32.16
CM H52 D . 0.30 11.61 32.83
C9 H52 D . -0.18 8.28 30.66
C8 H52 D . 0.46 7.40 29.73
C7 H52 D . 1.74 7.69 29.29
C6 H52 D . 2.46 8.82 29.79
C1 H52 D . -1.50 8.02 31.12
N2 H52 D . -2.09 8.84 32.00
C3 H52 D . -1.50 9.94 32.51
#